data_2MRC
#
_entry.id   2MRC
#
_entity_poly.entity_id   1
_entity_poly.type   'polypeptide(L)'
_entity_poly.pdbx_seq_one_letter_code
;MAHHHHHHMKKKDPLAPKRALSAYMFYVKDKRLEIIKEKPELAKDVAQVGKLIGEAWGQLSPAQKAPYEKKAQLDKVRYS
KEIEEYRKKNQE
;
_entity_poly.pdbx_strand_id   A
#
# COMPACT_ATOMS: atom_id res chain seq x y z
N MET A 1 13.27 -25.50 -6.91
CA MET A 1 12.87 -24.55 -5.89
C MET A 1 11.36 -24.51 -5.75
N ALA A 2 10.75 -25.68 -5.54
CA ALA A 2 9.31 -25.78 -5.38
C ALA A 2 8.95 -26.56 -4.11
N HIS A 3 9.03 -25.88 -2.97
CA HIS A 3 8.71 -26.51 -1.69
C HIS A 3 7.39 -25.97 -1.13
N HIS A 4 6.89 -26.62 -0.09
CA HIS A 4 5.64 -26.21 0.54
C HIS A 4 5.82 -24.89 1.31
N HIS A 5 7.02 -24.69 1.84
CA HIS A 5 7.33 -23.47 2.59
C HIS A 5 7.18 -22.24 1.72
N HIS A 6 8.01 -22.16 0.68
CA HIS A 6 7.98 -21.03 -0.25
C HIS A 6 7.15 -21.36 -1.48
N HIS A 7 6.06 -20.62 -1.69
CA HIS A 7 5.19 -20.84 -2.83
C HIS A 7 5.49 -19.84 -3.95
N HIS A 8 5.28 -20.26 -5.19
CA HIS A 8 5.53 -19.40 -6.34
C HIS A 8 4.47 -18.30 -6.43
N MET A 9 4.89 -17.06 -6.20
CA MET A 9 3.98 -15.92 -6.27
C MET A 9 4.75 -14.61 -6.21
N LYS A 10 4.02 -13.50 -6.29
CA LYS A 10 4.63 -12.17 -6.26
C LYS A 10 4.82 -11.70 -4.82
N LYS A 11 5.94 -12.09 -4.22
CA LYS A 11 6.24 -11.70 -2.84
C LYS A 11 6.86 -10.30 -2.80
N LYS A 12 7.51 -9.92 -3.89
CA LYS A 12 8.15 -8.61 -3.98
C LYS A 12 8.40 -8.21 -5.42
N ASP A 13 9.01 -7.05 -5.62
CA ASP A 13 9.31 -6.56 -6.96
C ASP A 13 10.81 -6.36 -7.15
N PRO A 14 11.54 -7.47 -7.26
CA PRO A 14 13.00 -7.44 -7.43
C PRO A 14 13.41 -6.92 -8.81
N LEU A 15 12.47 -6.92 -9.74
CA LEU A 15 12.72 -6.44 -11.09
C LEU A 15 12.23 -5.01 -11.26
N ALA A 16 12.20 -4.26 -10.16
CA ALA A 16 11.77 -2.87 -10.20
C ALA A 16 12.85 -1.94 -9.65
N PRO A 17 12.74 -0.64 -9.99
CA PRO A 17 13.70 0.36 -9.55
C PRO A 17 13.60 0.65 -8.05
N LYS A 18 14.41 1.58 -7.57
CA LYS A 18 14.41 1.95 -6.17
C LYS A 18 13.29 2.94 -5.86
N ARG A 19 12.53 2.67 -4.80
CA ARG A 19 11.44 3.53 -4.41
C ARG A 19 10.82 3.07 -3.10
N ALA A 20 10.20 4.00 -2.38
CA ALA A 20 9.57 3.67 -1.11
C ALA A 20 8.04 3.78 -1.21
N LEU A 21 7.35 3.17 -0.25
CA LEU A 21 5.89 3.20 -0.23
C LEU A 21 5.38 4.64 -0.15
N SER A 22 4.14 4.84 -0.60
CA SER A 22 3.53 6.17 -0.57
C SER A 22 2.68 6.36 0.67
N ALA A 23 2.37 7.61 0.99
CA ALA A 23 1.56 7.93 2.16
C ALA A 23 0.26 7.12 2.16
N TYR A 24 -0.37 7.03 0.99
CA TYR A 24 -1.62 6.29 0.86
C TYR A 24 -1.48 4.88 1.43
N MET A 25 -0.55 4.12 0.87
CA MET A 25 -0.31 2.76 1.31
C MET A 25 0.08 2.71 2.78
N PHE A 26 0.95 3.66 3.18
CA PHE A 26 1.40 3.72 4.56
C PHE A 26 0.23 3.73 5.52
N TYR A 27 -0.72 4.64 5.30
CA TYR A 27 -1.89 4.76 6.15
C TYR A 27 -2.70 3.46 6.13
N VAL A 28 -2.97 2.96 4.93
CA VAL A 28 -3.73 1.73 4.78
C VAL A 28 -3.12 0.59 5.57
N LYS A 29 -1.88 0.25 5.24
CA LYS A 29 -1.17 -0.83 5.94
C LYS A 29 -1.06 -0.53 7.43
N ASP A 30 -0.94 0.74 7.78
CA ASP A 30 -0.83 1.15 9.17
C ASP A 30 -2.10 0.81 9.94
N LYS A 31 -3.23 1.33 9.46
CA LYS A 31 -4.52 1.08 10.11
C LYS A 31 -4.81 -0.41 10.18
N ARG A 32 -4.54 -1.12 9.09
CA ARG A 32 -4.76 -2.56 9.03
C ARG A 32 -3.87 -3.29 10.03
N LEU A 33 -2.57 -3.19 9.84
CA LEU A 33 -1.61 -3.84 10.72
C LEU A 33 -1.91 -3.53 12.19
N GLU A 34 -2.42 -2.32 12.44
CA GLU A 34 -2.75 -1.90 13.79
C GLU A 34 -3.97 -2.66 14.31
N ILE A 35 -5.00 -2.75 13.48
CA ILE A 35 -6.23 -3.46 13.85
C ILE A 35 -5.98 -4.95 13.99
N ILE A 36 -4.96 -5.45 13.31
CA ILE A 36 -4.61 -6.86 13.37
C ILE A 36 -3.81 -7.18 14.64
N LYS A 37 -2.77 -6.38 14.88
CA LYS A 37 -1.93 -6.57 16.06
C LYS A 37 -2.72 -6.37 17.34
N GLU A 38 -3.64 -5.41 17.33
CA GLU A 38 -4.47 -5.12 18.49
C GLU A 38 -5.72 -6.00 18.50
N LYS A 39 -6.18 -6.37 17.31
CA LYS A 39 -7.37 -7.21 17.18
C LYS A 39 -7.22 -8.19 16.01
N PRO A 40 -6.45 -9.26 16.25
CA PRO A 40 -6.21 -10.29 15.23
C PRO A 40 -7.46 -11.13 14.95
N GLU A 41 -8.49 -10.92 15.74
CA GLU A 41 -9.75 -11.65 15.58
C GLU A 41 -10.48 -11.20 14.31
N LEU A 42 -10.53 -9.88 14.11
CA LEU A 42 -11.19 -9.32 12.94
C LEU A 42 -10.23 -9.17 11.78
N ALA A 43 -8.99 -9.64 11.98
CA ALA A 43 -7.97 -9.56 10.94
C ALA A 43 -8.46 -10.20 9.64
N LYS A 44 -9.38 -11.14 9.75
CA LYS A 44 -9.94 -11.82 8.59
C LYS A 44 -11.25 -11.17 8.15
N ASP A 45 -11.37 -9.86 8.38
CA ASP A 45 -12.56 -9.13 8.01
C ASP A 45 -12.24 -8.03 7.00
N VAL A 46 -12.02 -8.43 5.76
CA VAL A 46 -11.69 -7.48 4.69
C VAL A 46 -12.70 -6.33 4.66
N ALA A 47 -13.98 -6.67 4.76
CA ALA A 47 -15.04 -5.68 4.75
C ALA A 47 -14.90 -4.71 5.92
N GLN A 48 -14.57 -5.24 7.09
CA GLN A 48 -14.41 -4.43 8.28
C GLN A 48 -13.30 -3.41 8.10
N VAL A 49 -12.07 -3.90 7.91
CA VAL A 49 -10.92 -3.02 7.73
C VAL A 49 -11.20 -1.97 6.66
N GLY A 50 -11.73 -2.42 5.53
CA GLY A 50 -12.03 -1.51 4.44
C GLY A 50 -12.93 -0.37 4.87
N LYS A 51 -14.03 -0.70 5.53
CA LYS A 51 -14.99 0.30 6.00
C LYS A 51 -14.30 1.30 6.92
N LEU A 52 -13.35 0.83 7.71
CA LEU A 52 -12.62 1.68 8.63
C LEU A 52 -11.80 2.72 7.88
N ILE A 53 -11.09 2.28 6.85
CA ILE A 53 -10.27 3.17 6.04
C ILE A 53 -11.12 4.25 5.38
N GLY A 54 -12.13 3.81 4.63
CA GLY A 54 -13.01 4.74 3.94
C GLY A 54 -13.63 5.75 4.88
N GLU A 55 -14.15 5.26 6.02
CA GLU A 55 -14.78 6.14 7.00
C GLU A 55 -13.77 7.15 7.54
N ALA A 56 -12.68 6.65 8.09
CA ALA A 56 -11.64 7.51 8.64
C ALA A 56 -11.24 8.59 7.65
N TRP A 57 -11.17 8.23 6.38
CA TRP A 57 -10.80 9.17 5.33
C TRP A 57 -11.90 10.20 5.10
N GLY A 58 -13.10 9.73 4.79
CA GLY A 58 -14.21 10.64 4.56
C GLY A 58 -14.53 11.49 5.78
N GLN A 59 -14.03 11.07 6.94
CA GLN A 59 -14.27 11.81 8.17
C GLN A 59 -12.96 12.37 8.73
N LEU A 60 -11.90 12.30 7.93
CA LEU A 60 -10.59 12.80 8.34
C LEU A 60 -10.54 14.33 8.25
N SER A 61 -9.59 14.92 8.96
CA SER A 61 -9.43 16.38 8.97
C SER A 61 -8.45 16.82 7.88
N PRO A 62 -8.54 18.11 7.51
CA PRO A 62 -7.66 18.68 6.48
C PRO A 62 -6.21 18.80 6.95
N ALA A 63 -6.02 18.74 8.27
CA ALA A 63 -4.68 18.84 8.84
C ALA A 63 -3.80 17.69 8.38
N GLN A 64 -4.28 16.47 8.55
CA GLN A 64 -3.53 15.28 8.15
C GLN A 64 -3.79 14.93 6.69
N LYS A 65 -4.97 15.32 6.21
CA LYS A 65 -5.35 15.06 4.82
C LYS A 65 -4.50 15.88 3.86
N ALA A 66 -4.16 17.10 4.26
CA ALA A 66 -3.36 17.98 3.44
C ALA A 66 -2.08 17.29 2.98
N PRO A 67 -1.24 16.89 3.95
CA PRO A 67 0.03 16.21 3.66
C PRO A 67 -0.18 14.79 3.14
N TYR A 68 -1.08 14.06 3.78
CA TYR A 68 -1.38 12.69 3.37
C TYR A 68 -1.76 12.62 1.89
N GLU A 69 -2.60 13.56 1.46
CA GLU A 69 -3.04 13.60 0.08
C GLU A 69 -1.93 14.11 -0.82
N LYS A 70 -1.36 15.25 -0.47
CA LYS A 70 -0.27 15.84 -1.25
C LYS A 70 0.84 14.81 -1.50
N LYS A 71 1.23 14.11 -0.45
CA LYS A 71 2.28 13.10 -0.56
C LYS A 71 1.80 11.90 -1.36
N ALA A 72 0.62 11.40 -1.01
CA ALA A 72 0.04 10.25 -1.69
C ALA A 72 -0.04 10.50 -3.19
N GLN A 73 -0.39 11.72 -3.57
CA GLN A 73 -0.51 12.09 -4.97
C GLN A 73 0.87 12.19 -5.63
N LEU A 74 1.71 13.07 -5.09
CA LEU A 74 3.05 13.27 -5.62
C LEU A 74 3.79 11.94 -5.75
N ASP A 75 3.64 11.09 -4.74
CA ASP A 75 4.29 9.79 -4.73
C ASP A 75 3.67 8.86 -5.77
N LYS A 76 2.34 8.79 -5.78
CA LYS A 76 1.62 7.95 -6.72
C LYS A 76 1.95 8.33 -8.16
N VAL A 77 2.10 9.63 -8.40
CA VAL A 77 2.41 10.13 -9.73
C VAL A 77 3.85 9.81 -10.11
N ARG A 78 4.79 10.30 -9.31
CA ARG A 78 6.21 10.06 -9.56
C ARG A 78 6.50 8.57 -9.70
N TYR A 79 5.92 7.78 -8.81
CA TYR A 79 6.11 6.34 -8.83
C TYR A 79 5.49 5.72 -10.08
N SER A 80 4.24 6.05 -10.34
CA SER A 80 3.53 5.54 -11.51
C SER A 80 4.33 5.79 -12.78
N LYS A 81 4.65 7.04 -13.03
CA LYS A 81 5.42 7.42 -14.22
C LYS A 81 6.78 6.74 -14.23
N GLU A 82 7.46 6.76 -13.08
CA GLU A 82 8.77 6.14 -12.95
C GLU A 82 8.74 4.70 -13.43
N ILE A 83 7.97 3.86 -12.73
CA ILE A 83 7.86 2.46 -13.08
C ILE A 83 7.30 2.28 -14.49
N GLU A 84 6.48 3.24 -14.91
CA GLU A 84 5.89 3.20 -16.24
C GLU A 84 6.97 3.15 -17.32
N GLU A 85 7.85 4.15 -17.31
CA GLU A 85 8.92 4.23 -18.30
C GLU A 85 9.90 3.07 -18.11
N TYR A 86 10.25 2.79 -16.86
CA TYR A 86 11.18 1.71 -16.55
C TYR A 86 10.68 0.38 -17.11
N ARG A 87 9.45 0.03 -16.75
CA ARG A 87 8.86 -1.22 -17.20
C ARG A 87 8.79 -1.27 -18.73
N LYS A 88 8.37 -0.16 -19.34
CA LYS A 88 8.27 -0.08 -20.78
C LYS A 88 9.63 -0.30 -21.44
N LYS A 89 10.69 0.13 -20.76
CA LYS A 89 12.04 -0.03 -21.28
C LYS A 89 12.85 -0.96 -20.39
N ASN A 90 12.19 -1.97 -19.84
CA ASN A 90 12.86 -2.93 -18.96
C ASN A 90 13.03 -4.28 -19.66
N GLN A 91 13.74 -5.19 -19.01
CA GLN A 91 13.97 -6.52 -19.58
C GLN A 91 14.61 -6.42 -20.95
N GLU A 92 15.40 -5.38 -21.16
CA GLU A 92 16.08 -5.17 -22.44
C GLU A 92 17.33 -6.04 -22.55
N MET A 1 -12.03 -32.12 2.00
CA MET A 1 -11.08 -31.08 2.37
C MET A 1 -10.42 -30.47 1.13
N ALA A 2 -10.36 -29.14 1.10
CA ALA A 2 -9.76 -28.43 -0.02
C ALA A 2 -9.28 -27.05 0.39
N HIS A 3 -8.45 -26.44 -0.44
CA HIS A 3 -7.92 -25.11 -0.16
C HIS A 3 -7.21 -24.54 -1.39
N HIS A 4 -7.43 -23.25 -1.63
CA HIS A 4 -6.81 -22.57 -2.77
C HIS A 4 -5.89 -21.45 -2.31
N HIS A 5 -4.59 -21.64 -2.52
CA HIS A 5 -3.60 -20.64 -2.13
C HIS A 5 -3.69 -19.41 -3.01
N HIS A 6 -3.01 -18.34 -2.60
CA HIS A 6 -3.02 -17.08 -3.36
C HIS A 6 -1.68 -16.87 -4.07
N HIS A 7 -1.70 -16.09 -5.14
CA HIS A 7 -0.50 -15.81 -5.91
C HIS A 7 0.56 -15.15 -5.02
N HIS A 8 1.75 -14.97 -5.57
CA HIS A 8 2.86 -14.35 -4.84
C HIS A 8 3.33 -13.08 -5.53
N MET A 9 3.98 -12.20 -4.77
CA MET A 9 4.48 -10.95 -5.31
C MET A 9 5.88 -10.65 -4.79
N LYS A 10 6.71 -11.68 -4.72
CA LYS A 10 8.08 -11.53 -4.22
C LYS A 10 8.99 -10.99 -5.33
N LYS A 11 9.46 -9.76 -5.14
CA LYS A 11 10.35 -9.12 -6.11
C LYS A 11 11.39 -8.26 -5.42
N LYS A 12 12.54 -8.09 -6.06
CA LYS A 12 13.62 -7.30 -5.50
C LYS A 12 13.98 -6.14 -6.44
N ASP A 13 14.31 -6.47 -7.68
CA ASP A 13 14.67 -5.45 -8.67
C ASP A 13 15.80 -4.57 -8.15
N PRO A 14 17.01 -5.15 -8.09
CA PRO A 14 18.21 -4.43 -7.62
C PRO A 14 18.66 -3.36 -8.61
N LEU A 15 18.17 -3.44 -9.84
CA LEU A 15 18.52 -2.47 -10.87
C LEU A 15 17.34 -1.57 -11.20
N ALA A 16 16.50 -1.31 -10.19
CA ALA A 16 15.34 -0.46 -10.38
C ALA A 16 15.58 0.94 -9.82
N PRO A 17 14.78 1.91 -10.28
CA PRO A 17 14.90 3.30 -9.85
C PRO A 17 14.47 3.50 -8.39
N LYS A 18 14.43 4.75 -7.95
CA LYS A 18 14.03 5.07 -6.58
C LYS A 18 12.53 5.29 -6.49
N ARG A 19 11.98 5.07 -5.30
CA ARG A 19 10.54 5.24 -5.08
C ARG A 19 10.25 5.49 -3.61
N ALA A 20 9.12 6.15 -3.33
CA ALA A 20 8.73 6.44 -1.96
C ALA A 20 7.29 6.01 -1.70
N LEU A 21 6.95 5.90 -0.42
CA LEU A 21 5.60 5.48 -0.04
C LEU A 21 4.64 6.67 -0.02
N SER A 22 3.34 6.38 -0.04
CA SER A 22 2.33 7.44 -0.04
C SER A 22 1.89 7.76 1.38
N ALA A 23 1.21 8.89 1.54
CA ALA A 23 0.73 9.31 2.85
C ALA A 23 -0.29 8.33 3.41
N TYR A 24 -0.98 7.62 2.51
CA TYR A 24 -1.99 6.66 2.92
C TYR A 24 -1.33 5.37 3.40
N MET A 25 -0.25 4.98 2.75
CA MET A 25 0.48 3.76 3.13
C MET A 25 0.84 3.78 4.60
N PHE A 26 1.34 4.91 5.08
CA PHE A 26 1.73 5.06 6.48
C PHE A 26 0.59 4.64 7.40
N TYR A 27 -0.62 5.09 7.09
CA TYR A 27 -1.79 4.78 7.90
C TYR A 27 -2.09 3.28 7.84
N VAL A 28 -1.85 2.67 6.69
CA VAL A 28 -2.09 1.24 6.51
C VAL A 28 -1.17 0.41 7.39
N LYS A 29 0.13 0.68 7.28
CA LYS A 29 1.13 -0.05 8.06
C LYS A 29 0.92 0.20 9.56
N ASP A 30 0.65 1.45 9.91
CA ASP A 30 0.43 1.82 11.30
C ASP A 30 -0.82 1.14 11.86
N LYS A 31 -1.97 1.41 11.23
CA LYS A 31 -3.22 0.82 11.65
C LYS A 31 -3.11 -0.70 11.78
N ARG A 32 -2.66 -1.34 10.70
CA ARG A 32 -2.49 -2.79 10.69
C ARG A 32 -1.59 -3.25 11.84
N LEU A 33 -0.45 -2.59 11.99
CA LEU A 33 0.50 -2.92 13.03
C LEU A 33 -0.19 -2.97 14.39
N GLU A 34 -0.90 -1.89 14.72
CA GLU A 34 -1.61 -1.81 16.00
C GLU A 34 -2.63 -2.94 16.13
N ILE A 35 -3.48 -3.08 15.12
CA ILE A 35 -4.50 -4.13 15.12
C ILE A 35 -3.88 -5.51 15.31
N ILE A 36 -2.67 -5.68 14.77
CA ILE A 36 -1.96 -6.95 14.88
C ILE A 36 -1.27 -7.08 16.23
N LYS A 37 -0.93 -5.95 16.82
CA LYS A 37 -0.26 -5.93 18.12
C LYS A 37 -1.22 -6.34 19.23
N GLU A 38 -2.40 -5.75 19.24
CA GLU A 38 -3.41 -6.05 20.25
C GLU A 38 -4.30 -7.20 19.79
N LYS A 39 -4.43 -7.37 18.49
CA LYS A 39 -5.24 -8.43 17.92
C LYS A 39 -4.53 -9.12 16.78
N PRO A 40 -3.52 -9.95 17.12
CA PRO A 40 -2.73 -10.69 16.13
C PRO A 40 -3.54 -11.79 15.45
N GLU A 41 -4.64 -12.18 16.08
CA GLU A 41 -5.50 -13.23 15.55
C GLU A 41 -6.10 -12.81 14.21
N LEU A 42 -6.46 -11.54 14.10
CA LEU A 42 -7.05 -11.01 12.87
C LEU A 42 -5.97 -10.50 11.93
N ALA A 43 -4.70 -10.69 12.31
CA ALA A 43 -3.58 -10.25 11.50
C ALA A 43 -3.65 -10.87 10.10
N LYS A 44 -4.33 -12.00 9.99
CA LYS A 44 -4.47 -12.69 8.71
C LYS A 44 -5.86 -12.45 8.11
N ASP A 45 -6.41 -11.27 8.40
CA ASP A 45 -7.73 -10.92 7.88
C ASP A 45 -7.63 -9.76 6.90
N VAL A 46 -7.15 -10.06 5.69
CA VAL A 46 -7.01 -9.04 4.66
C VAL A 46 -8.30 -8.25 4.48
N ALA A 47 -9.42 -8.94 4.45
CA ALA A 47 -10.73 -8.30 4.29
C ALA A 47 -11.01 -7.36 5.45
N GLN A 48 -10.69 -7.80 6.66
CA GLN A 48 -10.91 -6.99 7.86
C GLN A 48 -10.13 -5.68 7.79
N VAL A 49 -8.81 -5.78 7.75
CA VAL A 49 -7.96 -4.60 7.67
C VAL A 49 -8.40 -3.67 6.55
N GLY A 50 -8.63 -4.24 5.37
CA GLY A 50 -9.06 -3.44 4.24
C GLY A 50 -10.28 -2.60 4.54
N LYS A 51 -11.32 -3.25 5.08
CA LYS A 51 -12.56 -2.55 5.42
C LYS A 51 -12.29 -1.41 6.39
N LEU A 52 -11.35 -1.63 7.32
CA LEU A 52 -11.00 -0.62 8.29
C LEU A 52 -10.43 0.62 7.63
N ILE A 53 -9.56 0.41 6.64
CA ILE A 53 -8.94 1.51 5.91
C ILE A 53 -9.98 2.29 5.11
N GLY A 54 -10.88 1.57 4.45
CA GLY A 54 -11.91 2.21 3.66
C GLY A 54 -12.82 3.09 4.49
N GLU A 55 -13.45 2.49 5.50
CA GLU A 55 -14.35 3.23 6.38
C GLU A 55 -13.63 4.38 7.06
N ALA A 56 -12.43 4.10 7.57
CA ALA A 56 -11.63 5.12 8.25
C ALA A 56 -11.28 6.26 7.31
N TRP A 57 -11.08 5.93 6.04
CA TRP A 57 -10.74 6.93 5.03
C TRP A 57 -11.94 7.78 4.67
N GLY A 58 -12.98 7.13 4.15
CA GLY A 58 -14.18 7.84 3.77
C GLY A 58 -14.72 8.71 4.88
N GLN A 59 -14.71 8.19 6.10
CA GLN A 59 -15.21 8.93 7.26
C GLN A 59 -14.25 10.05 7.62
N LEU A 60 -12.98 9.88 7.28
CA LEU A 60 -11.96 10.89 7.58
C LEU A 60 -12.38 12.26 7.06
N SER A 61 -11.63 13.30 7.44
CA SER A 61 -11.93 14.65 7.02
C SER A 61 -11.09 15.04 5.80
N PRO A 62 -11.53 16.08 5.08
CA PRO A 62 -10.83 16.57 3.88
C PRO A 62 -9.51 17.26 4.24
N ALA A 63 -9.35 17.62 5.50
CA ALA A 63 -8.14 18.27 5.97
C ALA A 63 -6.91 17.39 5.73
N GLN A 64 -6.97 16.16 6.23
CA GLN A 64 -5.85 15.23 6.07
C GLN A 64 -5.96 14.48 4.74
N LYS A 65 -7.19 14.31 4.27
CA LYS A 65 -7.43 13.60 3.01
C LYS A 65 -6.91 14.41 1.83
N ALA A 66 -7.01 15.74 1.93
CA ALA A 66 -6.54 16.63 0.88
C ALA A 66 -5.11 16.30 0.47
N PRO A 67 -4.19 16.43 1.44
CA PRO A 67 -2.76 16.15 1.21
C PRO A 67 -2.48 14.67 1.01
N TYR A 68 -3.12 13.84 1.81
CA TYR A 68 -2.95 12.39 1.72
C TYR A 68 -3.27 11.89 0.31
N GLU A 69 -4.39 12.37 -0.23
CA GLU A 69 -4.81 11.96 -1.57
C GLU A 69 -3.92 12.60 -2.63
N LYS A 70 -3.72 13.91 -2.53
CA LYS A 70 -2.88 14.64 -3.47
C LYS A 70 -1.51 13.99 -3.60
N LYS A 71 -0.88 13.75 -2.45
CA LYS A 71 0.45 13.14 -2.42
C LYS A 71 0.40 11.71 -2.92
N ALA A 72 -0.54 10.93 -2.38
CA ALA A 72 -0.70 9.53 -2.77
C ALA A 72 -0.85 9.40 -4.29
N GLN A 73 -1.68 10.27 -4.88
CA GLN A 73 -1.91 10.25 -6.31
C GLN A 73 -0.65 10.64 -7.07
N LEU A 74 -0.12 11.82 -6.78
CA LEU A 74 1.08 12.30 -7.45
C LEU A 74 2.20 11.27 -7.36
N ASP A 75 2.36 10.67 -6.18
CA ASP A 75 3.39 9.67 -5.97
C ASP A 75 3.09 8.40 -6.76
N LYS A 76 1.81 8.05 -6.82
CA LYS A 76 1.38 6.85 -7.54
C LYS A 76 1.70 6.97 -9.02
N VAL A 77 1.34 8.11 -9.62
CA VAL A 77 1.59 8.35 -11.03
C VAL A 77 3.08 8.54 -11.30
N ARG A 78 3.77 9.17 -10.36
CA ARG A 78 5.20 9.41 -10.50
C ARG A 78 5.98 8.10 -10.47
N TYR A 79 5.67 7.25 -9.51
CA TYR A 79 6.34 5.96 -9.37
C TYR A 79 5.98 5.04 -10.54
N SER A 80 4.70 4.98 -10.87
CA SER A 80 4.23 4.15 -11.96
C SER A 80 4.93 4.51 -13.27
N LYS A 81 4.83 5.78 -13.65
CA LYS A 81 5.45 6.27 -14.88
C LYS A 81 6.96 6.05 -14.84
N GLU A 82 7.57 6.40 -13.72
CA GLU A 82 9.02 6.26 -13.56
C GLU A 82 9.45 4.84 -13.90
N ILE A 83 8.99 3.87 -13.10
CA ILE A 83 9.33 2.48 -13.32
C ILE A 83 8.88 2.01 -14.70
N GLU A 84 7.80 2.60 -15.19
CA GLU A 84 7.27 2.24 -16.51
C GLU A 84 8.32 2.43 -17.60
N GLU A 85 8.83 3.66 -17.70
CA GLU A 85 9.84 3.98 -18.71
C GLU A 85 11.14 3.22 -18.43
N TYR A 86 11.54 3.19 -17.17
CA TYR A 86 12.76 2.50 -16.78
C TYR A 86 12.72 1.03 -17.20
N ARG A 87 11.66 0.34 -16.77
CA ARG A 87 11.50 -1.07 -17.11
C ARG A 87 11.47 -1.28 -18.61
N LYS A 88 10.73 -0.42 -19.31
CA LYS A 88 10.63 -0.52 -20.77
C LYS A 88 11.99 -0.36 -21.42
N LYS A 89 12.85 0.45 -20.81
CA LYS A 89 14.19 0.68 -21.34
C LYS A 89 15.25 0.15 -20.38
N ASN A 90 14.94 -0.96 -19.72
CA ASN A 90 15.87 -1.57 -18.77
C ASN A 90 16.46 -2.85 -19.35
N GLN A 91 17.41 -3.44 -18.62
CA GLN A 91 18.06 -4.67 -19.06
C GLN A 91 17.93 -5.76 -17.99
N GLU A 92 17.25 -6.85 -18.34
CA GLU A 92 17.06 -7.96 -17.41
C GLU A 92 18.31 -8.83 -17.34
N MET A 1 -12.49 -16.96 -5.39
CA MET A 1 -11.29 -17.24 -4.61
C MET A 1 -11.64 -17.69 -3.20
N ALA A 2 -11.27 -18.93 -2.86
CA ALA A 2 -11.56 -19.48 -1.55
C ALA A 2 -10.48 -20.47 -1.13
N HIS A 3 -10.38 -20.71 0.18
CA HIS A 3 -9.39 -21.64 0.70
C HIS A 3 -7.99 -21.28 0.23
N HIS A 4 -7.73 -19.99 0.11
CA HIS A 4 -6.42 -19.51 -0.34
C HIS A 4 -5.44 -19.44 0.82
N HIS A 5 -4.15 -19.50 0.51
CA HIS A 5 -3.11 -19.43 1.52
C HIS A 5 -1.73 -19.22 0.89
N HIS A 6 -1.16 -18.05 1.12
CA HIS A 6 0.15 -17.72 0.58
C HIS A 6 1.01 -16.98 1.61
N HIS A 7 2.30 -17.27 1.60
CA HIS A 7 3.23 -16.63 2.54
C HIS A 7 4.42 -16.04 1.81
N HIS A 8 4.41 -14.72 1.63
CA HIS A 8 5.50 -14.03 0.94
C HIS A 8 5.55 -12.56 1.34
N MET A 9 6.60 -11.87 0.91
CA MET A 9 6.77 -10.46 1.23
C MET A 9 6.03 -9.59 0.21
N LYS A 10 6.06 -8.28 0.42
CA LYS A 10 5.39 -7.34 -0.47
C LYS A 10 6.38 -6.32 -1.02
N LYS A 11 7.31 -6.78 -1.85
CA LYS A 11 8.31 -5.91 -2.45
C LYS A 11 9.08 -6.63 -3.55
N LYS A 12 9.07 -6.06 -4.74
CA LYS A 12 9.78 -6.65 -5.88
C LYS A 12 10.38 -5.57 -6.76
N ASP A 13 11.68 -5.66 -7.00
CA ASP A 13 12.39 -4.69 -7.84
C ASP A 13 13.80 -5.16 -8.14
N PRO A 14 13.92 -6.22 -8.95
CA PRO A 14 15.22 -6.78 -9.33
C PRO A 14 16.01 -5.86 -10.25
N LEU A 15 15.33 -5.31 -11.25
CA LEU A 15 15.97 -4.41 -12.21
C LEU A 15 15.22 -3.07 -12.27
N ALA A 16 14.54 -2.73 -11.19
CA ALA A 16 13.80 -1.47 -11.13
C ALA A 16 14.55 -0.42 -10.33
N PRO A 17 14.19 0.86 -10.53
CA PRO A 17 14.83 1.98 -9.83
C PRO A 17 14.49 2.01 -8.35
N LYS A 18 15.16 2.89 -7.62
CA LYS A 18 14.93 3.02 -6.18
C LYS A 18 13.71 3.89 -5.91
N ARG A 19 13.01 3.60 -4.82
CA ARG A 19 11.82 4.35 -4.45
C ARG A 19 11.33 3.94 -3.06
N ALA A 20 10.36 4.68 -2.54
CA ALA A 20 9.80 4.39 -1.22
C ALA A 20 8.30 4.13 -1.30
N LEU A 21 7.75 3.53 -0.26
CA LEU A 21 6.33 3.21 -0.21
C LEU A 21 5.49 4.48 -0.34
N SER A 22 4.21 4.31 -0.67
CA SER A 22 3.30 5.44 -0.83
C SER A 22 2.35 5.53 0.36
N ALA A 23 1.66 6.66 0.47
CA ALA A 23 0.70 6.87 1.56
C ALA A 23 -0.32 5.75 1.62
N TYR A 24 -0.71 5.24 0.45
CA TYR A 24 -1.68 4.16 0.37
C TYR A 24 -1.23 2.96 1.20
N MET A 25 -0.04 2.45 0.90
CA MET A 25 0.51 1.31 1.61
C MET A 25 0.80 1.66 3.07
N PHE A 26 1.34 2.86 3.29
CA PHE A 26 1.67 3.32 4.64
C PHE A 26 0.43 3.27 5.54
N TYR A 27 -0.68 3.78 5.03
CA TYR A 27 -1.92 3.81 5.80
C TYR A 27 -2.32 2.40 6.23
N VAL A 28 -2.60 1.55 5.26
CA VAL A 28 -3.00 0.17 5.55
C VAL A 28 -1.96 -0.52 6.43
N LYS A 29 -0.69 -0.26 6.16
CA LYS A 29 0.39 -0.86 6.93
C LYS A 29 0.25 -0.54 8.42
N ASP A 30 0.02 0.73 8.73
CA ASP A 30 -0.14 1.17 10.11
C ASP A 30 -1.38 0.55 10.73
N LYS A 31 -2.52 0.72 10.07
CA LYS A 31 -3.79 0.17 10.54
C LYS A 31 -3.66 -1.32 10.83
N ARG A 32 -3.27 -2.08 9.81
CA ARG A 32 -3.12 -3.52 9.95
C ARG A 32 -2.17 -3.86 11.09
N LEU A 33 -1.02 -3.18 11.11
CA LEU A 33 -0.01 -3.42 12.15
C LEU A 33 -0.64 -3.31 13.53
N GLU A 34 -1.45 -2.26 13.74
CA GLU A 34 -2.11 -2.04 15.02
C GLU A 34 -3.09 -3.17 15.33
N ILE A 35 -3.96 -3.46 14.36
CA ILE A 35 -4.95 -4.51 14.53
C ILE A 35 -4.29 -5.84 14.91
N ILE A 36 -3.12 -6.09 14.34
CA ILE A 36 -2.39 -7.32 14.63
C ILE A 36 -1.60 -7.20 15.93
N LYS A 37 -1.22 -5.98 16.28
CA LYS A 37 -0.47 -5.73 17.50
C LYS A 37 -1.32 -6.02 18.74
N GLU A 38 -2.55 -5.51 18.74
CA GLU A 38 -3.45 -5.73 19.86
C GLU A 38 -4.34 -6.96 19.62
N LYS A 39 -4.57 -7.27 18.36
CA LYS A 39 -5.40 -8.41 18.00
C LYS A 39 -4.75 -9.23 16.87
N PRO A 40 -3.68 -9.96 17.22
CA PRO A 40 -2.94 -10.78 16.26
C PRO A 40 -3.75 -11.99 15.80
N GLU A 41 -4.79 -12.31 16.54
CA GLU A 41 -5.65 -13.46 16.22
C GLU A 41 -6.47 -13.17 14.96
N LEU A 42 -6.84 -11.91 14.77
CA LEU A 42 -7.63 -11.51 13.62
C LEU A 42 -6.73 -11.13 12.45
N ALA A 43 -5.42 -11.28 12.65
CA ALA A 43 -4.45 -10.96 11.61
C ALA A 43 -4.77 -11.68 10.31
N LYS A 44 -5.44 -12.83 10.42
CA LYS A 44 -5.81 -13.62 9.25
C LYS A 44 -7.24 -13.32 8.83
N ASP A 45 -7.68 -12.09 9.05
CA ASP A 45 -9.02 -11.67 8.69
C ASP A 45 -8.99 -10.56 7.64
N VAL A 46 -8.60 -10.92 6.42
CA VAL A 46 -8.52 -9.96 5.33
C VAL A 46 -9.81 -9.15 5.21
N ALA A 47 -10.94 -9.82 5.41
CA ALA A 47 -12.24 -9.17 5.34
C ALA A 47 -12.39 -8.11 6.42
N GLN A 48 -12.10 -8.49 7.66
CA GLN A 48 -12.21 -7.57 8.79
C GLN A 48 -11.33 -6.35 8.58
N VAL A 49 -10.02 -6.57 8.49
CA VAL A 49 -9.07 -5.49 8.28
C VAL A 49 -9.49 -4.60 7.12
N GLY A 50 -9.82 -5.23 6.00
CA GLY A 50 -10.24 -4.49 4.82
C GLY A 50 -11.36 -3.51 5.11
N LYS A 51 -12.42 -4.00 5.74
CA LYS A 51 -13.57 -3.18 6.08
C LYS A 51 -13.15 -1.99 6.95
N LEU A 52 -12.20 -2.24 7.86
CA LEU A 52 -11.71 -1.20 8.74
C LEU A 52 -11.05 -0.06 7.95
N ILE A 53 -10.26 -0.43 6.95
CA ILE A 53 -9.59 0.55 6.11
C ILE A 53 -10.59 1.37 5.30
N GLY A 54 -11.57 0.68 4.72
CA GLY A 54 -12.58 1.36 3.92
C GLY A 54 -13.36 2.39 4.72
N GLU A 55 -13.98 1.94 5.81
CA GLU A 55 -14.76 2.82 6.66
C GLU A 55 -13.90 3.94 7.22
N ALA A 56 -12.71 3.58 7.71
CA ALA A 56 -11.79 4.55 8.27
C ALA A 56 -11.40 5.61 7.25
N TRP A 57 -11.30 5.19 5.99
CA TRP A 57 -10.94 6.10 4.91
C TRP A 57 -12.08 7.07 4.60
N GLY A 58 -13.21 6.51 4.21
CA GLY A 58 -14.37 7.35 3.89
C GLY A 58 -14.73 8.29 5.01
N GLN A 59 -14.54 7.84 6.25
CA GLN A 59 -14.84 8.66 7.41
C GLN A 59 -13.68 9.58 7.76
N LEU A 60 -12.50 9.26 7.23
CA LEU A 60 -11.31 10.06 7.48
C LEU A 60 -11.57 11.54 7.17
N SER A 61 -10.90 12.41 7.91
CA SER A 61 -11.07 13.85 7.73
C SER A 61 -10.25 14.34 6.53
N PRO A 62 -10.63 15.53 6.02
CA PRO A 62 -9.95 16.13 4.86
C PRO A 62 -8.54 16.60 5.20
N ALA A 63 -8.28 16.80 6.48
CA ALA A 63 -6.97 17.26 6.93
C ALA A 63 -5.88 16.28 6.51
N GLN A 64 -6.16 14.99 6.69
CA GLN A 64 -5.19 13.95 6.33
C GLN A 64 -5.32 13.58 4.85
N LYS A 65 -6.50 13.81 4.28
CA LYS A 65 -6.75 13.51 2.88
C LYS A 65 -5.95 14.44 1.97
N ALA A 66 -5.81 15.69 2.40
CA ALA A 66 -5.08 16.68 1.62
C ALA A 66 -3.69 16.18 1.26
N PRO A 67 -2.87 15.89 2.29
CA PRO A 67 -1.51 15.40 2.11
C PRO A 67 -1.48 13.98 1.57
N TYR A 68 -2.31 13.11 2.14
CA TYR A 68 -2.38 11.72 1.71
C TYR A 68 -2.65 11.62 0.22
N GLU A 69 -3.63 12.38 -0.25
CA GLU A 69 -3.98 12.37 -1.67
C GLU A 69 -2.90 13.05 -2.50
N LYS A 70 -2.50 14.24 -2.10
CA LYS A 70 -1.47 14.99 -2.81
C LYS A 70 -0.22 14.14 -3.00
N LYS A 71 0.23 13.50 -1.92
CA LYS A 71 1.41 12.66 -1.98
C LYS A 71 1.18 11.43 -2.85
N ALA A 72 0.08 10.72 -2.57
CA ALA A 72 -0.26 9.53 -3.33
C ALA A 72 -0.32 9.83 -4.83
N GLN A 73 -0.84 11.01 -5.18
CA GLN A 73 -0.95 11.41 -6.57
C GLN A 73 0.43 11.70 -7.17
N LEU A 74 1.13 12.67 -6.59
CA LEU A 74 2.46 13.04 -7.06
C LEU A 74 3.37 11.81 -7.13
N ASP A 75 3.20 10.89 -6.20
CA ASP A 75 3.99 9.67 -6.15
C ASP A 75 3.59 8.72 -7.28
N LYS A 76 2.29 8.57 -7.48
CA LYS A 76 1.78 7.68 -8.52
C LYS A 76 2.28 8.12 -9.89
N VAL A 77 2.25 9.43 -10.15
CA VAL A 77 2.70 9.97 -11.42
C VAL A 77 4.22 9.87 -11.56
N ARG A 78 4.91 10.39 -10.55
CA ARG A 78 6.37 10.37 -10.56
C ARG A 78 6.90 8.95 -10.74
N TYR A 79 6.34 8.02 -9.96
CA TYR A 79 6.75 6.62 -10.03
C TYR A 79 6.39 6.01 -11.39
N SER A 80 5.15 6.23 -11.81
CA SER A 80 4.67 5.71 -13.09
C SER A 80 5.62 6.10 -14.23
N LYS A 81 5.83 7.40 -14.38
CA LYS A 81 6.71 7.91 -15.43
C LYS A 81 8.12 7.37 -15.26
N GLU A 82 8.62 7.41 -14.02
CA GLU A 82 9.97 6.93 -13.72
C GLU A 82 10.17 5.51 -14.25
N ILE A 83 9.40 4.58 -13.71
CA ILE A 83 9.49 3.18 -14.13
C ILE A 83 9.16 3.03 -15.61
N GLU A 84 8.31 3.92 -16.11
CA GLU A 84 7.91 3.88 -17.51
C GLU A 84 9.12 4.01 -18.43
N GLU A 85 9.87 5.09 -18.27
CA GLU A 85 11.05 5.33 -19.08
C GLU A 85 12.13 4.28 -18.79
N TYR A 86 12.31 3.96 -17.52
CA TYR A 86 13.31 2.99 -17.11
C TYR A 86 13.05 1.64 -17.78
N ARG A 87 11.83 1.13 -17.62
CA ARG A 87 11.46 -0.16 -18.20
C ARG A 87 11.61 -0.13 -19.72
N LYS A 88 11.18 0.97 -20.32
CA LYS A 88 11.26 1.13 -21.77
C LYS A 88 12.72 1.08 -22.25
N LYS A 89 13.61 1.60 -21.42
CA LYS A 89 15.03 1.62 -21.75
C LYS A 89 15.82 0.73 -20.78
N ASN A 90 15.21 -0.37 -20.37
CA ASN A 90 15.86 -1.29 -19.44
C ASN A 90 16.28 -2.57 -20.16
N GLN A 91 15.30 -3.30 -20.69
CA GLN A 91 15.56 -4.54 -21.40
C GLN A 91 15.51 -4.33 -22.91
N GLU A 92 16.21 -5.17 -23.66
CA GLU A 92 16.24 -5.08 -25.10
C GLU A 92 14.98 -5.68 -25.72
N MET A 1 5.82 -36.07 -18.43
CA MET A 1 6.00 -37.50 -18.16
C MET A 1 7.14 -37.73 -17.18
N ALA A 2 7.37 -36.74 -16.31
CA ALA A 2 8.43 -36.84 -15.32
C ALA A 2 7.90 -37.36 -13.98
N HIS A 3 6.62 -37.10 -13.72
CA HIS A 3 5.98 -37.54 -12.50
C HIS A 3 6.69 -36.95 -11.28
N HIS A 4 7.24 -35.75 -11.44
CA HIS A 4 7.94 -35.08 -10.36
C HIS A 4 7.14 -33.90 -9.82
N HIS A 5 7.39 -33.52 -8.57
CA HIS A 5 6.69 -32.42 -7.94
C HIS A 5 7.46 -31.11 -8.12
N HIS A 6 6.91 -30.22 -8.93
CA HIS A 6 7.55 -28.93 -9.19
C HIS A 6 6.89 -27.82 -8.36
N HIS A 7 7.69 -26.83 -7.98
CA HIS A 7 7.19 -25.71 -7.19
C HIS A 7 7.31 -24.41 -7.95
N HIS A 8 6.28 -23.56 -7.84
CA HIS A 8 6.27 -22.27 -8.53
C HIS A 8 6.36 -21.12 -7.52
N MET A 9 7.58 -20.78 -7.13
CA MET A 9 7.80 -19.71 -6.17
C MET A 9 7.21 -18.39 -6.69
N LYS A 10 7.10 -17.41 -5.80
CA LYS A 10 6.55 -16.11 -6.17
C LYS A 10 7.47 -15.40 -7.16
N LYS A 11 6.98 -14.29 -7.71
CA LYS A 11 7.77 -13.51 -8.67
C LYS A 11 8.44 -12.32 -7.98
N LYS A 12 9.76 -12.35 -7.93
CA LYS A 12 10.52 -11.27 -7.31
C LYS A 12 11.06 -10.31 -8.37
N ASP A 13 11.32 -9.07 -7.96
CA ASP A 13 11.84 -8.05 -8.87
C ASP A 13 13.07 -7.39 -8.28
N PRO A 14 14.20 -8.13 -8.27
CA PRO A 14 15.47 -7.63 -7.74
C PRO A 14 16.08 -6.55 -8.63
N LEU A 15 15.60 -6.46 -9.87
CA LEU A 15 16.09 -5.47 -10.81
C LEU A 15 15.18 -4.25 -10.85
N ALA A 16 14.53 -3.97 -9.73
CA ALA A 16 13.63 -2.83 -9.64
C ALA A 16 14.09 -1.85 -8.56
N PRO A 17 13.62 -0.60 -8.64
CA PRO A 17 13.97 0.45 -7.69
C PRO A 17 13.36 0.21 -6.30
N LYS A 18 13.47 1.21 -5.43
CA LYS A 18 12.93 1.09 -4.09
C LYS A 18 11.46 1.47 -4.06
N ARG A 19 10.70 0.85 -3.15
CA ARG A 19 9.28 1.12 -3.02
C ARG A 19 9.00 2.07 -1.86
N ALA A 20 8.17 3.08 -2.11
CA ALA A 20 7.83 4.06 -1.09
C ALA A 20 6.32 4.08 -0.83
N LEU A 21 5.93 4.61 0.32
CA LEU A 21 4.52 4.69 0.69
C LEU A 21 3.98 6.10 0.44
N SER A 22 2.65 6.22 0.40
CA SER A 22 2.00 7.50 0.18
C SER A 22 1.01 7.81 1.29
N ALA A 23 0.34 8.95 1.18
CA ALA A 23 -0.65 9.36 2.17
C ALA A 23 -1.67 8.26 2.41
N TYR A 24 -1.92 7.45 1.40
CA TYR A 24 -2.88 6.36 1.50
C TYR A 24 -2.44 5.35 2.55
N MET A 25 -1.16 4.98 2.52
CA MET A 25 -0.61 4.02 3.47
C MET A 25 -0.47 4.64 4.85
N PHE A 26 -0.10 5.92 4.89
CA PHE A 26 0.08 6.63 6.14
C PHE A 26 -1.15 6.48 7.03
N TYR A 27 -2.33 6.73 6.46
CA TYR A 27 -3.58 6.62 7.20
C TYR A 27 -3.81 5.20 7.66
N VAL A 28 -3.44 4.24 6.83
CA VAL A 28 -3.60 2.82 7.15
C VAL A 28 -2.74 2.43 8.35
N LYS A 29 -1.43 2.62 8.21
CA LYS A 29 -0.49 2.29 9.29
C LYS A 29 -0.86 3.02 10.57
N ASP A 30 -1.26 4.28 10.44
CA ASP A 30 -1.64 5.09 11.60
C ASP A 30 -2.90 4.53 12.26
N LYS A 31 -3.98 4.47 11.49
CA LYS A 31 -5.25 3.97 12.00
C LYS A 31 -5.08 2.57 12.58
N ARG A 32 -4.49 1.67 11.80
CA ARG A 32 -4.28 0.29 12.24
C ARG A 32 -3.50 0.27 13.56
N LEU A 33 -2.38 0.98 13.59
CA LEU A 33 -1.54 1.03 14.79
C LEU A 33 -2.37 1.40 16.01
N GLU A 34 -3.13 2.48 15.89
CA GLU A 34 -3.97 2.95 16.99
C GLU A 34 -5.02 1.91 17.35
N ILE A 35 -5.74 1.42 16.33
CA ILE A 35 -6.78 0.42 16.54
C ILE A 35 -6.22 -0.82 17.23
N ILE A 36 -4.95 -1.12 16.95
CA ILE A 36 -4.29 -2.28 17.54
C ILE A 36 -3.76 -1.96 18.93
N LYS A 37 -3.42 -0.69 19.15
CA LYS A 37 -2.91 -0.25 20.44
C LYS A 37 -4.00 -0.29 21.51
N GLU A 38 -5.19 0.18 21.15
CA GLU A 38 -6.31 0.20 22.07
C GLU A 38 -7.15 -1.07 21.94
N LYS A 39 -7.23 -1.58 20.71
CA LYS A 39 -8.00 -2.79 20.45
C LYS A 39 -7.18 -3.80 19.65
N PRO A 40 -6.24 -4.46 20.34
CA PRO A 40 -5.36 -5.46 19.72
C PRO A 40 -6.11 -6.73 19.35
N GLU A 41 -7.37 -6.83 19.78
CA GLU A 41 -8.19 -7.99 19.49
C GLU A 41 -8.60 -8.02 18.02
N LEU A 42 -8.90 -6.84 17.48
CA LEU A 42 -9.31 -6.72 16.08
C LEU A 42 -8.10 -6.52 15.18
N ALA A 43 -6.91 -6.58 15.76
CA ALA A 43 -5.68 -6.42 15.01
C ALA A 43 -5.64 -7.35 13.80
N LYS A 44 -6.11 -8.58 14.00
CA LYS A 44 -6.14 -9.57 12.92
C LYS A 44 -7.50 -9.60 12.24
N ASP A 45 -8.17 -8.44 12.21
CA ASP A 45 -9.48 -8.33 11.59
C ASP A 45 -9.41 -7.47 10.33
N VAL A 46 -9.00 -8.09 9.22
CA VAL A 46 -8.90 -7.39 7.94
C VAL A 46 -10.18 -6.63 7.62
N ALA A 47 -11.32 -7.29 7.83
CA ALA A 47 -12.62 -6.69 7.57
C ALA A 47 -12.81 -5.44 8.42
N GLN A 48 -12.56 -5.56 9.72
CA GLN A 48 -12.72 -4.43 10.63
C GLN A 48 -11.90 -3.23 10.16
N VAL A 49 -10.58 -3.40 10.11
CA VAL A 49 -9.69 -2.33 9.68
C VAL A 49 -10.11 -1.78 8.33
N GLY A 50 -10.58 -2.65 7.45
CA GLY A 50 -11.01 -2.24 6.13
C GLY A 50 -12.15 -1.25 6.18
N LYS A 51 -13.16 -1.55 6.99
CA LYS A 51 -14.32 -0.69 7.14
C LYS A 51 -13.95 0.63 7.80
N LEU A 52 -13.09 0.55 8.81
CA LEU A 52 -12.65 1.73 9.54
C LEU A 52 -11.98 2.73 8.60
N ILE A 53 -10.91 2.30 7.94
CA ILE A 53 -10.18 3.15 7.01
C ILE A 53 -11.08 3.58 5.86
N GLY A 54 -11.67 2.61 5.17
CA GLY A 54 -12.55 2.90 4.06
C GLY A 54 -13.60 3.94 4.40
N GLU A 55 -14.30 3.71 5.51
CA GLU A 55 -15.34 4.63 5.95
C GLU A 55 -14.75 5.98 6.36
N ALA A 56 -13.77 5.94 7.25
CA ALA A 56 -13.10 7.14 7.73
C ALA A 56 -12.68 8.03 6.56
N TRP A 57 -12.01 7.42 5.59
CA TRP A 57 -11.54 8.15 4.42
C TRP A 57 -12.70 8.63 3.56
N GLY A 58 -13.57 7.69 3.19
CA GLY A 58 -14.72 8.03 2.37
C GLY A 58 -15.56 9.14 2.98
N GLN A 59 -15.45 9.31 4.29
CA GLN A 59 -16.21 10.33 5.00
C GLN A 59 -15.27 11.37 5.62
N LEU A 60 -14.01 11.33 5.22
CA LEU A 60 -13.01 12.26 5.74
C LEU A 60 -13.35 13.70 5.35
N SER A 61 -13.12 14.63 6.27
CA SER A 61 -13.41 16.04 6.02
C SER A 61 -12.59 16.55 4.84
N PRO A 62 -13.05 17.67 4.25
CA PRO A 62 -12.37 18.29 3.11
C PRO A 62 -11.05 18.92 3.48
N ALA A 63 -10.99 19.50 4.68
CA ALA A 63 -9.77 20.13 5.17
C ALA A 63 -8.61 19.15 5.21
N GLN A 64 -8.90 17.92 5.62
CA GLN A 64 -7.88 16.87 5.70
C GLN A 64 -7.72 16.17 4.37
N LYS A 65 -8.78 16.14 3.57
CA LYS A 65 -8.76 15.49 2.27
C LYS A 65 -7.86 16.26 1.30
N ALA A 66 -7.84 17.58 1.44
CA ALA A 66 -7.03 18.43 0.58
C ALA A 66 -5.58 17.97 0.57
N PRO A 67 -4.93 18.00 1.75
CA PRO A 67 -3.53 17.59 1.90
C PRO A 67 -3.35 16.09 1.73
N TYR A 68 -4.25 15.31 2.32
CA TYR A 68 -4.19 13.86 2.23
C TYR A 68 -4.20 13.40 0.78
N GLU A 69 -5.13 13.95 0.00
CA GLU A 69 -5.25 13.60 -1.41
C GLU A 69 -4.07 14.14 -2.21
N LYS A 70 -3.77 15.42 -2.00
CA LYS A 70 -2.67 16.06 -2.70
C LYS A 70 -1.37 15.28 -2.52
N LYS A 71 -1.08 14.92 -1.27
CA LYS A 71 0.13 14.17 -0.95
C LYS A 71 0.07 12.77 -1.58
N ALA A 72 -1.02 12.07 -1.33
CA ALA A 72 -1.19 10.72 -1.87
C ALA A 72 -1.02 10.71 -3.39
N GLN A 73 -1.59 11.70 -4.05
CA GLN A 73 -1.50 11.80 -5.51
C GLN A 73 -0.06 12.05 -5.94
N LEU A 74 0.56 13.08 -5.37
CA LEU A 74 1.94 13.42 -5.71
C LEU A 74 2.85 12.20 -5.56
N ASP A 75 2.75 11.53 -4.43
CA ASP A 75 3.56 10.34 -4.17
C ASP A 75 3.25 9.24 -5.18
N LYS A 76 1.96 9.05 -5.46
CA LYS A 76 1.54 8.03 -6.41
C LYS A 76 2.18 8.24 -7.77
N VAL A 77 2.14 9.48 -8.26
CA VAL A 77 2.72 9.82 -9.55
C VAL A 77 4.23 9.63 -9.54
N ARG A 78 4.88 10.12 -8.49
CA ARG A 78 6.33 10.01 -8.36
C ARG A 78 6.77 8.56 -8.50
N TYR A 79 6.23 7.69 -7.66
CA TYR A 79 6.57 6.28 -7.68
C TYR A 79 6.23 5.67 -9.04
N SER A 80 5.05 5.98 -9.55
CA SER A 80 4.60 5.45 -10.84
C SER A 80 5.64 5.75 -11.92
N LYS A 81 6.02 7.02 -12.05
CA LYS A 81 6.99 7.45 -13.04
C LYS A 81 8.33 6.73 -12.82
N GLU A 82 8.77 6.68 -11.57
CA GLU A 82 10.03 6.03 -11.24
C GLU A 82 10.07 4.60 -11.79
N ILE A 83 9.18 3.75 -11.30
CA ILE A 83 9.11 2.37 -11.75
C ILE A 83 8.83 2.28 -13.25
N GLU A 84 8.12 3.29 -13.76
CA GLU A 84 7.77 3.33 -15.18
C GLU A 84 9.03 3.32 -16.04
N GLU A 85 9.90 4.30 -15.83
CA GLU A 85 11.14 4.40 -16.58
C GLU A 85 12.06 3.23 -16.29
N TYR A 86 12.14 2.85 -15.01
CA TYR A 86 12.99 1.74 -14.59
C TYR A 86 12.59 0.45 -15.29
N ARG A 87 11.31 0.10 -15.19
CA ARG A 87 10.81 -1.12 -15.82
C ARG A 87 11.02 -1.07 -17.33
N LYS A 88 10.77 0.08 -17.93
CA LYS A 88 10.94 0.25 -19.37
C LYS A 88 12.38 0.02 -19.78
N LYS A 89 13.31 0.41 -18.91
CA LYS A 89 14.73 0.25 -19.17
C LYS A 89 15.36 -0.74 -18.20
N ASN A 90 14.60 -1.76 -17.84
CA ASN A 90 15.07 -2.78 -16.91
C ASN A 90 15.35 -4.09 -17.64
N GLN A 91 14.38 -4.54 -18.43
CA GLN A 91 14.52 -5.78 -19.19
C GLN A 91 14.72 -5.49 -20.67
N GLU A 92 15.32 -6.45 -21.38
CA GLU A 92 15.57 -6.29 -22.81
C GLU A 92 14.28 -5.99 -23.55
N MET A 1 -2.66 -18.59 8.91
CA MET A 1 -2.48 -20.00 8.55
C MET A 1 -1.16 -20.53 9.09
N ALA A 2 -1.23 -21.63 9.84
CA ALA A 2 -0.03 -22.24 10.42
C ALA A 2 0.23 -23.60 9.79
N HIS A 3 0.85 -23.60 8.61
CA HIS A 3 1.17 -24.84 7.91
C HIS A 3 2.60 -24.81 7.38
N HIS A 4 3.26 -25.97 7.42
CA HIS A 4 4.64 -26.07 6.94
C HIS A 4 4.72 -25.74 5.45
N HIS A 5 5.68 -24.87 5.10
CA HIS A 5 5.86 -24.47 3.71
C HIS A 5 7.26 -23.90 3.49
N HIS A 6 7.80 -24.09 2.30
CA HIS A 6 9.13 -23.60 1.96
C HIS A 6 9.20 -22.08 2.13
N HIS A 7 9.91 -21.64 3.16
CA HIS A 7 10.05 -20.21 3.43
C HIS A 7 10.58 -19.48 2.21
N HIS A 8 10.01 -18.32 1.91
CA HIS A 8 10.43 -17.52 0.77
C HIS A 8 10.80 -16.10 1.20
N MET A 9 11.33 -15.32 0.26
CA MET A 9 11.73 -13.95 0.54
C MET A 9 10.71 -12.97 -0.04
N LYS A 10 10.82 -11.71 0.37
CA LYS A 10 9.91 -10.67 -0.11
C LYS A 10 10.52 -9.93 -1.30
N LYS A 11 10.40 -10.53 -2.48
CA LYS A 11 10.94 -9.93 -3.70
C LYS A 11 9.85 -9.15 -4.43
N LYS A 12 10.28 -8.24 -5.31
CA LYS A 12 9.35 -7.42 -6.08
C LYS A 12 10.08 -6.61 -7.13
N ASP A 13 9.36 -6.19 -8.16
CA ASP A 13 9.94 -5.39 -9.23
C ASP A 13 11.07 -6.15 -9.92
N PRO A 14 10.72 -7.20 -10.68
CA PRO A 14 11.69 -8.03 -11.39
C PRO A 14 12.34 -7.29 -12.56
N LEU A 15 11.55 -6.47 -13.24
CA LEU A 15 12.04 -5.70 -14.38
C LEU A 15 11.72 -4.21 -14.21
N ALA A 16 11.60 -3.78 -12.96
CA ALA A 16 11.30 -2.38 -12.67
C ALA A 16 12.33 -1.78 -11.72
N PRO A 17 12.40 -0.44 -11.70
CA PRO A 17 13.34 0.29 -10.84
C PRO A 17 12.98 0.18 -9.36
N LYS A 18 13.75 0.84 -8.52
CA LYS A 18 13.50 0.83 -7.08
C LYS A 18 12.65 2.02 -6.66
N ARG A 19 11.64 1.75 -5.84
CA ARG A 19 10.74 2.80 -5.37
C ARG A 19 10.02 2.36 -4.09
N ALA A 20 9.33 3.30 -3.46
CA ALA A 20 8.59 3.02 -2.23
C ALA A 20 7.09 3.11 -2.46
N LEU A 21 6.32 2.54 -1.54
CA LEU A 21 4.87 2.56 -1.63
C LEU A 21 4.32 3.98 -1.45
N SER A 22 3.09 4.19 -1.88
CA SER A 22 2.46 5.51 -1.76
C SER A 22 1.88 5.70 -0.36
N ALA A 23 1.42 6.93 -0.08
CA ALA A 23 0.84 7.24 1.22
C ALA A 23 -0.41 6.41 1.49
N TYR A 24 -1.18 6.17 0.44
CA TYR A 24 -2.41 5.39 0.56
C TYR A 24 -2.10 3.93 0.89
N MET A 25 -1.30 3.29 0.03
CA MET A 25 -0.93 1.91 0.24
C MET A 25 -0.38 1.69 1.65
N PHE A 26 0.39 2.65 2.13
CA PHE A 26 0.98 2.57 3.47
C PHE A 26 -0.10 2.44 4.53
N TYR A 27 -1.10 3.31 4.46
CA TYR A 27 -2.21 3.29 5.42
C TYR A 27 -2.97 1.98 5.34
N VAL A 28 -3.38 1.61 4.13
CA VAL A 28 -4.12 0.37 3.92
C VAL A 28 -3.40 -0.82 4.56
N LYS A 29 -2.19 -1.08 4.09
CA LYS A 29 -1.40 -2.20 4.61
C LYS A 29 -1.16 -2.04 6.11
N ASP A 30 -1.03 -0.79 6.55
CA ASP A 30 -0.82 -0.50 7.96
C ASP A 30 -1.97 -1.02 8.81
N LYS A 31 -3.17 -0.56 8.50
CA LYS A 31 -4.37 -0.96 9.23
C LYS A 31 -4.57 -2.48 9.14
N ARG A 32 -4.36 -3.02 7.95
CA ARG A 32 -4.52 -4.45 7.72
C ARG A 32 -3.64 -5.25 8.67
N LEU A 33 -2.32 -5.12 8.50
CA LEU A 33 -1.37 -5.83 9.34
C LEU A 33 -1.68 -5.61 10.82
N GLU A 34 -1.95 -4.36 11.18
CA GLU A 34 -2.26 -4.02 12.57
C GLU A 34 -3.46 -4.83 13.07
N ILE A 35 -4.59 -4.65 12.41
CA ILE A 35 -5.81 -5.35 12.79
C ILE A 35 -5.57 -6.86 12.86
N ILE A 36 -4.68 -7.37 12.00
CA ILE A 36 -4.36 -8.79 11.98
C ILE A 36 -3.44 -9.15 13.12
N LYS A 37 -2.64 -8.19 13.58
CA LYS A 37 -1.71 -8.42 14.68
C LYS A 37 -2.44 -8.52 16.00
N GLU A 38 -3.26 -7.51 16.31
CA GLU A 38 -4.02 -7.49 17.55
C GLU A 38 -5.27 -8.35 17.43
N LYS A 39 -5.76 -8.53 16.21
CA LYS A 39 -6.95 -9.34 15.96
C LYS A 39 -6.78 -10.17 14.71
N PRO A 40 -6.00 -11.25 14.81
CA PRO A 40 -5.73 -12.16 13.68
C PRO A 40 -6.97 -12.98 13.31
N GLU A 41 -8.01 -12.89 14.14
CA GLU A 41 -9.25 -13.62 13.89
C GLU A 41 -10.09 -12.92 12.83
N LEU A 42 -10.02 -11.59 12.80
CA LEU A 42 -10.78 -10.80 11.83
C LEU A 42 -9.98 -10.59 10.56
N ALA A 43 -8.80 -11.20 10.50
CA ALA A 43 -7.93 -11.08 9.34
C ALA A 43 -8.67 -11.49 8.06
N LYS A 44 -9.68 -12.34 8.21
CA LYS A 44 -10.47 -12.80 7.08
C LYS A 44 -11.78 -12.04 6.97
N ASP A 45 -11.77 -10.78 7.39
CA ASP A 45 -12.96 -9.93 7.35
C ASP A 45 -12.77 -8.78 6.37
N VAL A 46 -12.80 -9.09 5.08
CA VAL A 46 -12.63 -8.08 4.04
C VAL A 46 -13.57 -6.90 4.27
N ALA A 47 -14.82 -7.19 4.60
CA ALA A 47 -15.82 -6.16 4.84
C ALA A 47 -15.41 -5.28 6.03
N GLN A 48 -14.89 -5.92 7.07
CA GLN A 48 -14.47 -5.20 8.26
C GLN A 48 -13.35 -4.20 7.94
N VAL A 49 -12.22 -4.72 7.49
CA VAL A 49 -11.08 -3.89 7.14
C VAL A 49 -11.50 -2.76 6.21
N GLY A 50 -12.25 -3.10 5.17
CA GLY A 50 -12.70 -2.10 4.22
C GLY A 50 -13.45 -0.95 4.89
N LYS A 51 -14.42 -1.30 5.72
CA LYS A 51 -15.22 -0.30 6.43
C LYS A 51 -14.32 0.61 7.26
N LEU A 52 -13.26 0.04 7.84
CA LEU A 52 -12.33 0.81 8.65
C LEU A 52 -11.61 1.87 7.81
N ILE A 53 -11.15 1.47 6.64
CA ILE A 53 -10.45 2.39 5.75
C ILE A 53 -11.36 3.53 5.31
N GLY A 54 -12.50 3.18 4.72
CA GLY A 54 -13.43 4.19 4.27
C GLY A 54 -13.83 5.15 5.38
N GLU A 55 -14.13 4.60 6.55
CA GLU A 55 -14.54 5.42 7.69
C GLU A 55 -13.38 6.30 8.16
N ALA A 56 -12.22 5.69 8.36
CA ALA A 56 -11.03 6.42 8.81
C ALA A 56 -10.74 7.60 7.89
N TRP A 57 -11.00 7.42 6.59
CA TRP A 57 -10.77 8.48 5.62
C TRP A 57 -11.82 9.57 5.74
N GLY A 58 -13.08 9.20 5.54
CA GLY A 58 -14.16 10.17 5.63
C GLY A 58 -14.15 10.93 6.95
N GLN A 59 -13.59 10.32 7.98
CA GLN A 59 -13.52 10.94 9.30
C GLN A 59 -12.15 11.56 9.53
N LEU A 60 -11.19 11.22 8.68
CA LEU A 60 -9.84 11.74 8.80
C LEU A 60 -9.84 13.26 8.89
N SER A 61 -8.79 13.81 9.49
CA SER A 61 -8.68 15.26 9.64
C SER A 61 -7.90 15.87 8.48
N PRO A 62 -8.08 17.18 8.29
CA PRO A 62 -7.39 17.92 7.22
C PRO A 62 -5.90 18.06 7.48
N ALA A 63 -5.53 18.14 8.74
CA ALA A 63 -4.12 18.28 9.12
C ALA A 63 -3.30 17.12 8.59
N GLN A 64 -3.86 15.92 8.65
CA GLN A 64 -3.17 14.73 8.17
C GLN A 64 -3.40 14.54 6.67
N LYS A 65 -4.57 14.95 6.20
CA LYS A 65 -4.91 14.82 4.78
C LYS A 65 -4.04 15.73 3.93
N ALA A 66 -3.68 16.89 4.48
CA ALA A 66 -2.85 17.84 3.76
C ALA A 66 -1.59 17.19 3.22
N PRO A 67 -0.76 16.67 4.14
CA PRO A 67 0.50 16.00 3.78
C PRO A 67 0.26 14.66 3.09
N TYR A 68 -0.68 13.88 3.62
CA TYR A 68 -1.01 12.58 3.05
C TYR A 68 -1.37 12.70 1.57
N GLU A 69 -2.22 13.67 1.25
CA GLU A 69 -2.64 13.90 -0.12
C GLU A 69 -1.52 14.48 -0.95
N LYS A 70 -0.89 15.54 -0.44
CA LYS A 70 0.21 16.19 -1.14
C LYS A 70 1.29 15.19 -1.51
N LYS A 71 1.72 14.39 -0.54
CA LYS A 71 2.74 13.38 -0.76
C LYS A 71 2.23 12.28 -1.69
N ALA A 72 1.03 11.79 -1.42
CA ALA A 72 0.44 10.75 -2.25
C ALA A 72 0.37 11.16 -3.71
N GLN A 73 -0.02 12.41 -3.95
CA GLN A 73 -0.13 12.92 -5.31
C GLN A 73 1.25 13.07 -5.94
N LEU A 74 2.11 13.86 -5.30
CA LEU A 74 3.46 14.08 -5.81
C LEU A 74 4.16 12.75 -6.09
N ASP A 75 4.08 11.83 -5.13
CA ASP A 75 4.70 10.52 -5.28
C ASP A 75 4.11 9.77 -6.46
N LYS A 76 2.78 9.75 -6.53
CA LYS A 76 2.08 9.05 -7.61
C LYS A 76 2.59 9.52 -8.97
N VAL A 77 2.71 10.83 -9.13
CA VAL A 77 3.19 11.40 -10.38
C VAL A 77 4.64 11.04 -10.64
N ARG A 78 5.49 11.28 -9.64
CA ARG A 78 6.91 10.98 -9.76
C ARG A 78 7.12 9.54 -10.19
N TYR A 79 6.52 8.60 -9.48
CA TYR A 79 6.64 7.18 -9.78
C TYR A 79 6.08 6.89 -11.17
N SER A 80 4.92 7.45 -11.47
CA SER A 80 4.29 7.24 -12.77
C SER A 80 5.24 7.57 -13.92
N LYS A 81 5.77 8.78 -13.90
CA LYS A 81 6.70 9.23 -14.93
C LYS A 81 7.95 8.34 -14.95
N GLU A 82 8.49 8.05 -13.77
CA GLU A 82 9.68 7.21 -13.66
C GLU A 82 9.48 5.90 -14.40
N ILE A 83 8.54 5.09 -13.93
CA ILE A 83 8.26 3.80 -14.55
C ILE A 83 7.83 3.98 -16.01
N GLU A 84 7.21 5.12 -16.31
CA GLU A 84 6.76 5.41 -17.67
C GLU A 84 7.93 5.37 -18.65
N GLU A 85 8.94 6.19 -18.39
CA GLU A 85 10.12 6.25 -19.25
C GLU A 85 10.89 4.94 -19.21
N TYR A 86 11.07 4.39 -18.01
CA TYR A 86 11.78 3.14 -17.84
C TYR A 86 11.15 2.03 -18.66
N ARG A 87 9.86 1.82 -18.48
CA ARG A 87 9.13 0.79 -19.21
C ARG A 87 9.23 1.02 -20.71
N LYS A 88 9.05 2.27 -21.13
CA LYS A 88 9.11 2.62 -22.55
C LYS A 88 10.48 2.29 -23.12
N LYS A 89 11.52 2.41 -22.30
CA LYS A 89 12.88 2.13 -22.73
C LYS A 89 13.44 0.93 -21.96
N ASN A 90 12.58 -0.03 -21.66
CA ASN A 90 13.00 -1.23 -20.94
C ASN A 90 13.04 -2.44 -21.87
N GLN A 91 11.89 -2.79 -22.43
CA GLN A 91 11.79 -3.92 -23.33
C GLN A 91 10.97 -3.57 -24.57
N GLU A 92 11.61 -3.64 -25.73
CA GLU A 92 10.94 -3.33 -26.99
C GLU A 92 9.97 -4.43 -27.38
N MET A 1 -4.35 -15.14 4.54
CA MET A 1 -4.04 -16.05 3.45
C MET A 1 -4.44 -15.47 2.10
N ALA A 2 -3.91 -14.28 1.80
CA ALA A 2 -4.21 -13.61 0.54
C ALA A 2 -3.03 -13.70 -0.42
N HIS A 3 -2.85 -14.86 -1.02
CA HIS A 3 -1.75 -15.07 -1.96
C HIS A 3 -2.09 -16.19 -2.94
N HIS A 4 -1.47 -16.14 -4.12
CA HIS A 4 -1.70 -17.14 -5.15
C HIS A 4 -0.43 -17.95 -5.42
N HIS A 5 -0.57 -19.27 -5.48
CA HIS A 5 0.56 -20.15 -5.74
C HIS A 5 0.91 -20.17 -7.22
N HIS A 6 2.21 -20.20 -7.51
CA HIS A 6 2.68 -20.22 -8.89
C HIS A 6 3.75 -21.30 -9.09
N HIS A 7 3.82 -21.82 -10.31
CA HIS A 7 4.79 -22.87 -10.63
C HIS A 7 5.97 -22.29 -11.41
N HIS A 8 6.23 -21.00 -11.22
CA HIS A 8 7.32 -20.33 -11.91
C HIS A 8 8.32 -19.74 -10.91
N MET A 9 9.57 -20.18 -10.99
CA MET A 9 10.60 -19.70 -10.09
C MET A 9 11.84 -19.26 -10.87
N LYS A 10 12.19 -17.99 -10.74
CA LYS A 10 13.36 -17.44 -11.43
C LYS A 10 14.30 -16.76 -10.45
N LYS A 11 15.50 -17.32 -10.31
CA LYS A 11 16.51 -16.76 -9.40
C LYS A 11 17.23 -15.59 -10.05
N LYS A 12 16.77 -14.37 -9.77
CA LYS A 12 17.38 -13.17 -10.33
C LYS A 12 17.02 -11.95 -9.49
N ASP A 13 18.02 -11.12 -9.19
CA ASP A 13 17.80 -9.91 -8.41
C ASP A 13 16.70 -9.06 -9.01
N PRO A 14 16.13 -8.15 -8.20
CA PRO A 14 15.06 -7.26 -8.63
C PRO A 14 15.54 -6.20 -9.62
N LEU A 15 16.65 -5.55 -9.29
CA LEU A 15 17.22 -4.52 -10.14
C LEU A 15 16.24 -3.37 -10.34
N ALA A 16 15.26 -3.28 -9.44
CA ALA A 16 14.26 -2.22 -9.51
C ALA A 16 14.81 -0.90 -8.98
N PRO A 17 14.16 0.20 -9.35
CA PRO A 17 14.57 1.54 -8.91
C PRO A 17 14.31 1.77 -7.43
N LYS A 18 14.50 3.02 -6.99
CA LYS A 18 14.29 3.37 -5.59
C LYS A 18 12.93 4.03 -5.40
N ARG A 19 12.34 3.83 -4.23
CA ARG A 19 11.03 4.42 -3.92
C ARG A 19 10.69 4.23 -2.44
N ALA A 20 9.71 4.99 -1.98
CA ALA A 20 9.28 4.91 -0.58
C ALA A 20 7.77 4.73 -0.47
N LEU A 21 7.31 4.29 0.69
CA LEU A 21 5.89 4.07 0.92
C LEU A 21 5.10 5.37 0.74
N SER A 22 3.79 5.23 0.57
CA SER A 22 2.93 6.40 0.38
C SER A 22 2.22 6.76 1.69
N ALA A 23 1.46 7.85 1.65
CA ALA A 23 0.73 8.31 2.84
C ALA A 23 -0.36 7.32 3.22
N TYR A 24 -0.99 6.72 2.21
CA TYR A 24 -2.07 5.76 2.46
C TYR A 24 -1.52 4.50 3.13
N MET A 25 -0.28 4.15 2.83
CA MET A 25 0.36 2.99 3.41
C MET A 25 0.57 3.16 4.90
N PHE A 26 1.15 4.30 5.28
CA PHE A 26 1.41 4.59 6.68
C PHE A 26 0.11 4.62 7.49
N TYR A 27 -0.95 5.09 6.85
CA TYR A 27 -2.26 5.16 7.51
C TYR A 27 -2.77 3.78 7.88
N VAL A 28 -2.95 2.93 6.87
CA VAL A 28 -3.43 1.57 7.10
C VAL A 28 -2.48 0.79 8.00
N LYS A 29 -1.19 1.05 7.85
CA LYS A 29 -0.17 0.38 8.65
C LYS A 29 -0.37 0.66 10.14
N ASP A 30 -0.34 1.95 10.49
CA ASP A 30 -0.52 2.36 11.87
C ASP A 30 -1.88 1.90 12.41
N LYS A 31 -2.94 2.19 11.66
CA LYS A 31 -4.28 1.81 12.06
C LYS A 31 -4.35 0.31 12.35
N ARG A 32 -4.00 -0.51 11.37
CA ARG A 32 -4.02 -1.95 11.52
C ARG A 32 -3.23 -2.38 12.75
N LEU A 33 -2.03 -1.84 12.89
CA LEU A 33 -1.17 -2.18 14.03
C LEU A 33 -1.91 -2.00 15.34
N GLU A 34 -2.44 -0.78 15.56
CA GLU A 34 -3.18 -0.48 16.78
C GLU A 34 -4.35 -1.44 16.96
N ILE A 35 -5.16 -1.59 15.92
CA ILE A 35 -6.31 -2.48 15.97
C ILE A 35 -5.90 -3.89 16.37
N ILE A 36 -4.70 -4.30 15.95
CA ILE A 36 -4.18 -5.62 16.26
C ILE A 36 -3.56 -5.65 17.66
N LYS A 37 -3.12 -4.49 18.12
CA LYS A 37 -2.50 -4.39 19.44
C LYS A 37 -3.54 -4.52 20.54
N GLU A 38 -4.66 -3.82 20.39
CA GLU A 38 -5.74 -3.87 21.37
C GLU A 38 -6.76 -4.94 21.00
N LYS A 39 -6.86 -5.23 19.71
CA LYS A 39 -7.80 -6.24 19.23
C LYS A 39 -7.12 -7.17 18.23
N PRO A 40 -6.26 -8.06 18.73
CA PRO A 40 -5.55 -9.02 17.89
C PRO A 40 -6.46 -10.09 17.31
N GLU A 41 -7.66 -10.22 17.89
CA GLU A 41 -8.62 -11.20 17.42
C GLU A 41 -9.13 -10.85 16.02
N LEU A 42 -9.31 -9.56 15.78
CA LEU A 42 -9.79 -9.10 14.48
C LEU A 42 -8.64 -8.89 13.51
N ALA A 43 -7.43 -9.22 13.96
CA ALA A 43 -6.24 -9.06 13.13
C ALA A 43 -6.39 -9.81 11.81
N LYS A 44 -7.22 -10.84 11.81
CA LYS A 44 -7.46 -11.64 10.61
C LYS A 44 -8.81 -11.28 9.98
N ASP A 45 -9.22 -10.04 10.14
CA ASP A 45 -10.49 -9.58 9.58
C ASP A 45 -10.26 -8.50 8.53
N VAL A 46 -9.83 -8.93 7.34
CA VAL A 46 -9.57 -8.00 6.24
C VAL A 46 -10.76 -7.07 6.02
N ALA A 47 -11.96 -7.64 6.04
CA ALA A 47 -13.18 -6.85 5.85
C ALA A 47 -13.33 -5.80 6.94
N GLN A 48 -13.04 -6.18 8.17
CA GLN A 48 -13.14 -5.28 9.31
C GLN A 48 -12.21 -4.09 9.14
N VAL A 49 -10.90 -4.37 9.12
CA VAL A 49 -9.91 -3.32 8.96
C VAL A 49 -10.24 -2.40 7.79
N GLY A 50 -10.57 -3.01 6.65
CA GLY A 50 -10.90 -2.24 5.47
C GLY A 50 -12.03 -1.25 5.72
N LYS A 51 -13.12 -1.73 6.30
CA LYS A 51 -14.26 -0.90 6.59
C LYS A 51 -13.87 0.28 7.49
N LEU A 52 -12.93 0.03 8.39
CA LEU A 52 -12.45 1.07 9.31
C LEU A 52 -11.74 2.17 8.54
N ILE A 53 -10.86 1.79 7.62
CA ILE A 53 -10.12 2.75 6.83
C ILE A 53 -11.05 3.62 5.99
N GLY A 54 -11.94 2.97 5.24
CA GLY A 54 -12.89 3.70 4.42
C GLY A 54 -13.76 4.64 5.22
N GLU A 55 -14.38 4.12 6.27
CA GLU A 55 -15.25 4.92 7.12
C GLU A 55 -14.48 6.05 7.78
N ALA A 56 -13.37 5.71 8.41
CA ALA A 56 -12.53 6.70 9.09
C ALA A 56 -12.06 7.78 8.11
N TRP A 57 -11.86 7.39 6.86
CA TRP A 57 -11.41 8.32 5.83
C TRP A 57 -12.53 9.30 5.46
N GLY A 58 -13.64 8.77 4.97
CA GLY A 58 -14.77 9.60 4.59
C GLY A 58 -15.18 10.55 5.70
N GLN A 59 -15.18 10.05 6.93
CA GLN A 59 -15.58 10.86 8.08
C GLN A 59 -14.49 11.86 8.43
N LEU A 60 -13.25 11.54 8.06
CA LEU A 60 -12.12 12.43 8.34
C LEU A 60 -12.36 13.82 7.77
N SER A 61 -11.45 14.73 8.05
CA SER A 61 -11.57 16.11 7.56
C SER A 61 -10.65 16.35 6.37
N PRO A 62 -10.96 17.40 5.60
CA PRO A 62 -10.17 17.77 4.42
C PRO A 62 -8.78 18.29 4.77
N ALA A 63 -8.58 18.59 6.04
CA ALA A 63 -7.30 19.11 6.52
C ALA A 63 -6.18 18.10 6.29
N GLN A 64 -6.41 16.87 6.76
CA GLN A 64 -5.42 15.81 6.60
C GLN A 64 -5.58 15.10 5.26
N LYS A 65 -6.81 15.06 4.76
CA LYS A 65 -7.09 14.42 3.48
C LYS A 65 -6.46 15.20 2.33
N ALA A 66 -6.42 16.52 2.46
CA ALA A 66 -5.84 17.37 1.44
C ALA A 66 -4.45 16.89 1.05
N PRO A 67 -3.53 16.89 2.02
CA PRO A 67 -2.14 16.45 1.81
C PRO A 67 -2.04 14.95 1.57
N TYR A 68 -2.69 14.16 2.42
CA TYR A 68 -2.66 12.72 2.31
C TYR A 68 -3.06 12.28 0.90
N GLU A 69 -4.14 12.87 0.39
CA GLU A 69 -4.64 12.54 -0.94
C GLU A 69 -3.67 13.01 -2.01
N LYS A 70 -3.30 14.29 -1.94
CA LYS A 70 -2.37 14.88 -2.90
C LYS A 70 -1.09 14.05 -2.99
N LYS A 71 -0.40 13.90 -1.86
CA LYS A 71 0.85 13.15 -1.81
C LYS A 71 0.62 11.72 -2.33
N ALA A 72 -0.37 11.04 -1.77
CA ALA A 72 -0.69 9.68 -2.19
C ALA A 72 -0.89 9.59 -3.70
N GLN A 73 -1.55 10.59 -4.26
CA GLN A 73 -1.81 10.63 -5.70
C GLN A 73 -0.50 10.76 -6.48
N LEU A 74 0.18 11.88 -6.29
CA LEU A 74 1.45 12.13 -6.98
C LEU A 74 2.40 10.97 -6.79
N ASP A 75 2.39 10.38 -5.60
CA ASP A 75 3.26 9.25 -5.29
C ASP A 75 2.86 8.01 -6.09
N LYS A 76 1.55 7.79 -6.19
CA LYS A 76 1.03 6.64 -6.93
C LYS A 76 1.42 6.72 -8.40
N VAL A 77 1.17 7.87 -9.01
CA VAL A 77 1.48 8.08 -10.42
C VAL A 77 2.99 8.11 -10.64
N ARG A 78 3.72 8.66 -9.68
CA ARG A 78 5.16 8.76 -9.77
C ARG A 78 5.81 7.38 -9.73
N TYR A 79 5.49 6.62 -8.68
CA TYR A 79 6.03 5.27 -8.53
C TYR A 79 5.58 4.37 -9.67
N SER A 80 4.31 4.44 -10.02
CA SER A 80 3.75 3.64 -11.10
C SER A 80 4.50 3.89 -12.40
N LYS A 81 4.55 5.14 -12.82
CA LYS A 81 5.24 5.52 -14.05
C LYS A 81 6.71 5.14 -13.99
N GLU A 82 7.35 5.44 -12.86
CA GLU A 82 8.77 5.13 -12.68
C GLU A 82 9.04 3.66 -12.98
N ILE A 83 8.46 2.79 -12.16
CA ILE A 83 8.64 1.35 -12.34
C ILE A 83 8.16 0.89 -13.71
N GLU A 84 7.16 1.60 -14.24
CA GLU A 84 6.60 1.27 -15.55
C GLU A 84 7.68 1.32 -16.63
N GLU A 85 8.33 2.47 -16.76
CA GLU A 85 9.38 2.64 -17.75
C GLU A 85 10.58 1.74 -17.44
N TYR A 86 10.96 1.70 -16.17
CA TYR A 86 12.10 0.89 -15.75
C TYR A 86 11.89 -0.58 -16.12
N ARG A 87 10.75 -1.13 -15.71
CA ARG A 87 10.42 -2.52 -16.00
C ARG A 87 10.40 -2.77 -17.51
N LYS A 88 9.77 -1.86 -18.24
CA LYS A 88 9.66 -1.98 -19.70
C LYS A 88 11.06 -2.00 -20.33
N LYS A 89 11.99 -1.28 -19.73
CA LYS A 89 13.35 -1.21 -20.24
C LYS A 89 14.33 -1.84 -19.25
N ASN A 90 13.89 -2.89 -18.57
CA ASN A 90 14.72 -3.58 -17.59
C ASN A 90 15.16 -4.95 -18.12
N GLN A 91 14.21 -5.71 -18.65
CA GLN A 91 14.50 -7.03 -19.19
C GLN A 91 14.58 -6.99 -20.71
N GLU A 92 15.77 -7.26 -21.24
CA GLU A 92 15.97 -7.26 -22.69
C GLU A 92 16.09 -8.68 -23.23
N MET A 1 -2.65 -13.54 1.41
CA MET A 1 -1.82 -12.73 2.30
C MET A 1 -0.68 -13.56 2.88
N ALA A 2 0.38 -12.89 3.31
CA ALA A 2 1.54 -13.57 3.88
C ALA A 2 2.09 -12.81 5.08
N HIS A 3 2.27 -13.51 6.19
CA HIS A 3 2.79 -12.89 7.41
C HIS A 3 4.17 -13.45 7.75
N HIS A 4 4.32 -14.76 7.60
CA HIS A 4 5.59 -15.42 7.90
C HIS A 4 6.74 -14.73 7.16
N HIS A 5 6.51 -14.40 5.89
CA HIS A 5 7.53 -13.75 5.09
C HIS A 5 7.69 -12.29 5.48
N HIS A 6 8.58 -11.59 4.80
CA HIS A 6 8.82 -10.17 5.08
C HIS A 6 9.75 -9.57 4.02
N HIS A 7 9.20 -8.65 3.23
CA HIS A 7 9.96 -7.98 2.19
C HIS A 7 10.56 -9.00 1.22
N HIS A 8 9.69 -9.87 0.70
CA HIS A 8 10.13 -10.90 -0.24
C HIS A 8 9.32 -10.83 -1.53
N MET A 9 9.87 -11.38 -2.60
CA MET A 9 9.20 -11.37 -3.90
C MET A 9 9.04 -12.80 -4.44
N LYS A 10 8.04 -12.99 -5.29
CA LYS A 10 7.78 -14.31 -5.87
C LYS A 10 8.78 -14.62 -6.98
N LYS A 11 8.83 -15.88 -7.38
CA LYS A 11 9.75 -16.31 -8.44
C LYS A 11 9.27 -15.83 -9.80
N LYS A 12 9.91 -14.79 -10.32
CA LYS A 12 9.55 -14.23 -11.62
C LYS A 12 10.69 -13.37 -12.17
N ASP A 13 10.45 -12.77 -13.34
CA ASP A 13 11.45 -11.92 -13.97
C ASP A 13 10.90 -10.52 -14.21
N PRO A 14 10.68 -9.78 -13.12
CA PRO A 14 10.14 -8.41 -13.18
C PRO A 14 11.14 -7.43 -13.77
N LEU A 15 12.40 -7.51 -13.31
CA LEU A 15 13.45 -6.63 -13.79
C LEU A 15 13.01 -5.16 -13.71
N ALA A 16 12.16 -4.86 -12.73
CA ALA A 16 11.67 -3.50 -12.54
C ALA A 16 12.55 -2.74 -11.56
N PRO A 17 12.46 -1.40 -11.60
CA PRO A 17 13.25 -0.53 -10.72
C PRO A 17 12.78 -0.61 -9.27
N LYS A 18 13.31 0.28 -8.43
CA LYS A 18 12.95 0.31 -7.02
C LYS A 18 11.56 0.90 -6.83
N ARG A 19 10.89 0.49 -5.76
CA ARG A 19 9.55 0.96 -5.45
C ARG A 19 9.18 0.68 -4.01
N ALA A 20 8.50 1.63 -3.38
CA ALA A 20 8.09 1.50 -1.99
C ALA A 20 6.60 1.81 -1.82
N LEU A 21 6.04 1.39 -0.69
CA LEU A 21 4.63 1.63 -0.41
C LEU A 21 4.35 3.11 -0.21
N SER A 22 3.08 3.49 -0.29
CA SER A 22 2.68 4.88 -0.14
C SER A 22 2.40 5.20 1.33
N ALA A 23 1.93 6.42 1.59
CA ALA A 23 1.61 6.84 2.94
C ALA A 23 0.34 6.16 3.44
N TYR A 24 -0.61 5.95 2.54
CA TYR A 24 -1.88 5.32 2.89
C TYR A 24 -1.66 3.86 3.27
N MET A 25 -0.86 3.16 2.47
CA MET A 25 -0.58 1.75 2.73
C MET A 25 -0.09 1.54 4.16
N PHE A 26 0.68 2.51 4.67
CA PHE A 26 1.21 2.43 6.02
C PHE A 26 0.08 2.27 7.03
N TYR A 27 -0.88 3.18 7.00
CA TYR A 27 -2.02 3.14 7.92
C TYR A 27 -2.79 1.84 7.77
N VAL A 28 -3.13 1.50 6.53
CA VAL A 28 -3.87 0.28 6.24
C VAL A 28 -3.16 -0.94 6.81
N LYS A 29 -1.89 -1.11 6.45
CA LYS A 29 -1.11 -2.24 6.93
C LYS A 29 -1.06 -2.25 8.45
N ASP A 30 -0.74 -1.11 9.04
CA ASP A 30 -0.66 -0.98 10.50
C ASP A 30 -1.98 -1.39 11.15
N LYS A 31 -3.05 -0.70 10.79
CA LYS A 31 -4.36 -0.98 11.34
C LYS A 31 -4.73 -2.46 11.16
N ARG A 32 -4.71 -2.91 9.91
CA ARG A 32 -5.04 -4.30 9.60
C ARG A 32 -4.20 -5.25 10.45
N LEU A 33 -2.89 -5.14 10.34
CA LEU A 33 -1.98 -5.99 11.09
C LEU A 33 -2.35 -6.01 12.57
N GLU A 34 -2.70 -4.84 13.11
CA GLU A 34 -3.08 -4.72 14.51
C GLU A 34 -4.39 -5.46 14.78
N ILE A 35 -5.33 -5.35 13.86
CA ILE A 35 -6.63 -6.01 14.01
C ILE A 35 -6.48 -7.52 13.89
N ILE A 36 -5.45 -7.96 13.19
CA ILE A 36 -5.20 -9.38 13.01
C ILE A 36 -4.54 -9.99 14.24
N LYS A 37 -3.51 -9.32 14.76
CA LYS A 37 -2.80 -9.78 15.94
C LYS A 37 -3.71 -9.77 17.16
N GLU A 38 -4.51 -8.72 17.29
CA GLU A 38 -5.43 -8.59 18.41
C GLU A 38 -6.72 -9.37 18.15
N LYS A 39 -7.08 -9.48 16.89
CA LYS A 39 -8.29 -10.20 16.50
C LYS A 39 -8.07 -10.97 15.20
N PRO A 40 -7.40 -12.14 15.30
CA PRO A 40 -7.12 -12.99 14.14
C PRO A 40 -8.38 -13.64 13.59
N GLU A 41 -9.49 -13.51 14.30
CA GLU A 41 -10.76 -14.08 13.88
C GLU A 41 -11.36 -13.29 12.72
N LEU A 42 -11.31 -11.97 12.82
CA LEU A 42 -11.84 -11.10 11.78
C LEU A 42 -10.77 -10.79 10.73
N ALA A 43 -9.61 -11.40 10.88
CA ALA A 43 -8.51 -11.19 9.94
C ALA A 43 -8.94 -11.53 8.52
N LYS A 44 -9.96 -12.36 8.39
CA LYS A 44 -10.46 -12.76 7.08
C LYS A 44 -11.73 -11.99 6.73
N ASP A 45 -11.82 -10.75 7.21
CA ASP A 45 -12.98 -9.91 6.95
C ASP A 45 -12.60 -8.74 6.05
N VAL A 46 -12.43 -9.01 4.76
CA VAL A 46 -12.07 -7.97 3.81
C VAL A 46 -13.00 -6.78 3.91
N ALA A 47 -14.30 -7.05 4.01
CA ALA A 47 -15.29 -5.99 4.13
C ALA A 47 -15.07 -5.16 5.39
N GLN A 48 -14.75 -5.83 6.49
CA GLN A 48 -14.51 -5.16 7.75
C GLN A 48 -13.33 -4.19 7.65
N VAL A 49 -12.15 -4.74 7.38
CA VAL A 49 -10.94 -3.93 7.25
C VAL A 49 -11.17 -2.76 6.30
N GLY A 50 -11.75 -3.04 5.14
CA GLY A 50 -12.01 -2.01 4.16
C GLY A 50 -12.82 -0.87 4.73
N LYS A 51 -13.94 -1.20 5.37
CA LYS A 51 -14.81 -0.19 5.96
C LYS A 51 -14.04 0.68 6.95
N LEU A 52 -13.11 0.06 7.68
CA LEU A 52 -12.30 0.78 8.66
C LEU A 52 -11.44 1.83 7.98
N ILE A 53 -10.77 1.44 6.90
CA ILE A 53 -9.91 2.35 6.15
C ILE A 53 -10.70 3.54 5.62
N GLY A 54 -11.77 3.25 4.89
CA GLY A 54 -12.60 4.31 4.33
C GLY A 54 -13.11 5.26 5.38
N GLU A 55 -13.66 4.72 6.46
CA GLU A 55 -14.18 5.54 7.55
C GLU A 55 -13.10 6.45 8.12
N ALA A 56 -11.92 5.88 8.39
CA ALA A 56 -10.81 6.64 8.93
C ALA A 56 -10.47 7.83 8.04
N TRP A 57 -10.29 7.56 6.76
CA TRP A 57 -9.95 8.62 5.79
C TRP A 57 -11.02 9.71 5.80
N GLY A 58 -12.27 9.31 5.58
CA GLY A 58 -13.36 10.27 5.56
C GLY A 58 -13.40 11.12 6.81
N GLN A 59 -13.09 10.53 7.94
CA GLN A 59 -13.09 11.24 9.22
C GLN A 59 -11.69 11.72 9.57
N LEU A 60 -10.79 11.65 8.61
CA LEU A 60 -9.40 12.08 8.82
C LEU A 60 -9.27 13.60 8.62
N SER A 61 -8.43 14.22 9.44
CA SER A 61 -8.21 15.66 9.35
C SER A 61 -7.29 16.00 8.18
N PRO A 62 -7.35 17.26 7.73
CA PRO A 62 -6.53 17.74 6.61
C PRO A 62 -5.05 17.83 6.97
N ALA A 63 -4.76 17.84 8.26
CA ALA A 63 -3.39 17.92 8.74
C ALA A 63 -2.57 16.74 8.25
N GLN A 64 -3.12 15.55 8.40
CA GLN A 64 -2.44 14.33 7.96
C GLN A 64 -2.71 14.04 6.49
N LYS A 65 -3.91 14.41 6.04
CA LYS A 65 -4.30 14.19 4.64
C LYS A 65 -3.48 15.06 3.71
N ALA A 66 -3.09 16.24 4.20
CA ALA A 66 -2.29 17.17 3.40
C ALA A 66 -1.04 16.50 2.85
N PRO A 67 -0.16 16.03 3.75
CA PRO A 67 1.09 15.36 3.38
C PRO A 67 0.83 13.97 2.78
N TYR A 68 -0.07 13.23 3.37
CA TYR A 68 -0.40 11.89 2.89
C TYR A 68 -0.85 11.93 1.44
N GLU A 69 -1.76 12.85 1.13
CA GLU A 69 -2.28 13.01 -0.22
C GLU A 69 -1.21 13.55 -1.16
N LYS A 70 -0.55 14.62 -0.73
CA LYS A 70 0.50 15.25 -1.53
C LYS A 70 1.57 14.23 -1.91
N LYS A 71 2.10 13.53 -0.90
CA LYS A 71 3.12 12.52 -1.14
C LYS A 71 2.60 11.39 -2.00
N ALA A 72 1.42 10.88 -1.66
CA ALA A 72 0.81 9.79 -2.41
C ALA A 72 0.65 10.17 -3.88
N GLN A 73 0.16 11.38 -4.13
CA GLN A 73 -0.04 11.85 -5.50
C GLN A 73 1.29 11.93 -6.25
N LEU A 74 2.22 12.72 -5.72
CA LEU A 74 3.53 12.89 -6.33
C LEU A 74 4.19 11.53 -6.57
N ASP A 75 4.16 10.69 -5.54
CA ASP A 75 4.76 9.36 -5.64
C ASP A 75 4.03 8.50 -6.67
N LYS A 76 2.72 8.73 -6.80
CA LYS A 76 1.91 7.99 -7.76
C LYS A 76 2.34 8.30 -9.19
N VAL A 77 2.35 9.58 -9.54
CA VAL A 77 2.75 10.00 -10.88
C VAL A 77 4.21 9.67 -11.16
N ARG A 78 5.05 9.82 -10.14
CA ARG A 78 6.47 9.54 -10.27
C ARG A 78 6.71 8.06 -10.56
N TYR A 79 6.00 7.20 -9.83
CA TYR A 79 6.14 5.76 -10.00
C TYR A 79 5.61 5.32 -11.37
N SER A 80 4.45 5.85 -11.72
CA SER A 80 3.83 5.51 -13.00
C SER A 80 4.75 5.85 -14.16
N LYS A 81 5.17 7.11 -14.22
CA LYS A 81 6.06 7.58 -15.27
C LYS A 81 7.37 6.80 -15.27
N GLU A 82 7.94 6.63 -14.08
CA GLU A 82 9.19 5.90 -13.93
C GLU A 82 9.12 4.53 -14.60
N ILE A 83 8.24 3.68 -14.08
CA ILE A 83 8.07 2.34 -14.62
C ILE A 83 7.63 2.38 -16.08
N GLU A 84 6.91 3.45 -16.44
CA GLU A 84 6.44 3.62 -17.80
C GLU A 84 7.60 3.63 -18.79
N GLU A 85 8.54 4.55 -18.59
CA GLU A 85 9.71 4.66 -19.46
C GLU A 85 10.59 3.42 -19.35
N TYR A 86 10.82 2.97 -18.12
CA TYR A 86 11.64 1.79 -17.88
C TYR A 86 11.10 0.58 -18.64
N ARG A 87 9.82 0.27 -18.43
CA ARG A 87 9.18 -0.85 -19.09
C ARG A 87 9.26 -0.71 -20.60
N LYS A 88 8.97 0.49 -21.09
CA LYS A 88 9.00 0.76 -22.52
C LYS A 88 10.41 0.51 -23.10
N LYS A 89 11.43 0.77 -22.28
CA LYS A 89 12.80 0.58 -22.70
C LYS A 89 13.47 -0.51 -21.88
N ASN A 90 12.70 -1.53 -21.51
CA ASN A 90 13.22 -2.64 -20.72
C ASN A 90 13.35 -3.90 -21.57
N GLN A 91 12.26 -4.30 -22.20
CA GLN A 91 12.26 -5.49 -23.04
C GLN A 91 12.85 -5.19 -24.41
N GLU A 92 14.05 -5.70 -24.66
CA GLU A 92 14.73 -5.48 -25.93
C GLU A 92 15.34 -6.77 -26.45
N MET A 1 8.32 -41.27 -8.45
CA MET A 1 6.87 -41.39 -8.47
C MET A 1 6.21 -40.26 -7.70
N ALA A 2 6.55 -39.02 -8.07
CA ALA A 2 6.00 -37.84 -7.40
C ALA A 2 5.28 -36.94 -8.40
N HIS A 3 4.58 -35.93 -7.89
CA HIS A 3 3.85 -35.00 -8.73
C HIS A 3 4.34 -33.57 -8.51
N HIS A 4 5.11 -33.07 -9.47
CA HIS A 4 5.65 -31.71 -9.38
C HIS A 4 6.24 -31.27 -10.72
N HIS A 5 6.38 -29.97 -10.89
CA HIS A 5 6.94 -29.42 -12.12
C HIS A 5 7.78 -28.18 -11.84
N HIS A 6 9.10 -28.33 -11.92
CA HIS A 6 10.01 -27.23 -11.68
C HIS A 6 11.42 -27.56 -12.19
N HIS A 7 12.08 -26.55 -12.75
CA HIS A 7 13.43 -26.74 -13.29
C HIS A 7 14.48 -26.37 -12.24
N HIS A 8 14.14 -25.42 -11.38
CA HIS A 8 15.06 -24.98 -10.33
C HIS A 8 14.36 -24.03 -9.36
N MET A 9 15.06 -23.66 -8.30
CA MET A 9 14.50 -22.76 -7.30
C MET A 9 15.43 -21.56 -7.07
N LYS A 10 15.60 -20.75 -8.11
CA LYS A 10 16.45 -19.58 -8.04
C LYS A 10 15.67 -18.37 -7.50
N LYS A 11 16.34 -17.56 -6.69
CA LYS A 11 15.71 -16.38 -6.11
C LYS A 11 15.70 -15.22 -7.10
N LYS A 12 14.60 -14.49 -7.14
CA LYS A 12 14.46 -13.35 -8.05
C LYS A 12 14.35 -12.04 -7.27
N ASP A 13 14.59 -10.93 -7.95
CA ASP A 13 14.53 -9.62 -7.33
C ASP A 13 13.39 -8.78 -7.93
N PRO A 14 12.97 -7.75 -7.20
CA PRO A 14 11.88 -6.87 -7.64
C PRO A 14 12.30 -5.98 -8.80
N LEU A 15 13.56 -5.54 -8.79
CA LEU A 15 14.09 -4.69 -9.84
C LEU A 15 13.27 -3.41 -9.97
N ALA A 16 12.69 -2.98 -8.85
CA ALA A 16 11.89 -1.76 -8.83
C ALA A 16 12.72 -0.55 -8.39
N PRO A 17 12.23 0.65 -8.70
CA PRO A 17 12.92 1.90 -8.34
C PRO A 17 12.86 2.17 -6.84
N LYS A 18 13.36 3.33 -6.44
CA LYS A 18 13.38 3.72 -5.04
C LYS A 18 12.31 4.78 -4.75
N ARG A 19 11.47 4.50 -3.75
CA ARG A 19 10.41 5.42 -3.38
C ARG A 19 9.92 5.14 -1.96
N ALA A 20 9.02 5.99 -1.47
CA ALA A 20 8.48 5.84 -0.12
C ALA A 20 6.96 5.72 -0.16
N LEU A 21 6.38 5.23 0.93
CA LEU A 21 4.94 5.08 1.03
C LEU A 21 4.22 6.42 0.82
N SER A 22 2.93 6.35 0.50
CA SER A 22 2.14 7.55 0.28
C SER A 22 1.27 7.87 1.49
N ALA A 23 0.68 9.06 1.49
CA ALA A 23 -0.17 9.48 2.59
C ALA A 23 -1.25 8.45 2.88
N TYR A 24 -1.85 7.90 1.82
CA TYR A 24 -2.89 6.90 1.96
C TYR A 24 -2.42 5.74 2.84
N MET A 25 -1.34 5.08 2.43
CA MET A 25 -0.79 3.96 3.17
C MET A 25 -0.54 4.36 4.63
N PHE A 26 0.08 5.51 4.82
CA PHE A 26 0.39 6.00 6.16
C PHE A 26 -0.85 6.00 7.04
N TYR A 27 -1.91 6.65 6.56
CA TYR A 27 -3.16 6.72 7.30
C TYR A 27 -3.74 5.33 7.54
N VAL A 28 -3.50 4.42 6.59
CA VAL A 28 -4.00 3.06 6.69
C VAL A 28 -3.29 2.30 7.81
N LYS A 29 -1.97 2.16 7.69
CA LYS A 29 -1.18 1.47 8.69
C LYS A 29 -1.40 2.07 10.08
N ASP A 30 -1.50 3.39 10.13
CA ASP A 30 -1.70 4.09 11.40
C ASP A 30 -3.05 3.70 12.02
N LYS A 31 -4.12 3.94 11.28
CA LYS A 31 -5.47 3.61 11.75
C LYS A 31 -5.57 2.14 12.12
N ARG A 32 -5.23 1.27 11.17
CA ARG A 32 -5.29 -0.17 11.39
C ARG A 32 -4.52 -0.55 12.66
N LEU A 33 -3.22 -0.32 12.65
CA LEU A 33 -2.37 -0.64 13.81
C LEU A 33 -2.99 -0.12 15.09
N GLU A 34 -3.59 1.07 15.01
CA GLU A 34 -4.23 1.68 16.17
C GLU A 34 -5.39 0.83 16.68
N ILE A 35 -6.19 0.33 15.74
CA ILE A 35 -7.33 -0.50 16.10
C ILE A 35 -6.89 -1.82 16.74
N ILE A 36 -5.79 -2.38 16.21
CA ILE A 36 -5.26 -3.64 16.73
C ILE A 36 -4.54 -3.42 18.06
N LYS A 37 -3.97 -2.24 18.23
CA LYS A 37 -3.26 -1.91 19.45
C LYS A 37 -4.23 -1.74 20.63
N GLU A 38 -5.19 -0.85 20.47
CA GLU A 38 -6.18 -0.60 21.51
C GLU A 38 -7.24 -1.70 21.53
N LYS A 39 -7.40 -2.38 20.40
CA LYS A 39 -8.37 -3.46 20.29
C LYS A 39 -7.83 -4.59 19.41
N PRO A 40 -6.93 -5.40 20.00
CA PRO A 40 -6.32 -6.54 19.30
C PRO A 40 -7.31 -7.67 19.04
N GLU A 41 -8.51 -7.54 19.62
CA GLU A 41 -9.55 -8.55 19.45
C GLU A 41 -10.20 -8.43 18.08
N LEU A 42 -10.27 -7.20 17.57
CA LEU A 42 -10.87 -6.95 16.26
C LEU A 42 -9.84 -7.06 15.15
N ALA A 43 -8.62 -7.44 15.52
CA ALA A 43 -7.55 -7.59 14.56
C ALA A 43 -7.95 -8.51 13.41
N LYS A 44 -8.88 -9.43 13.70
CA LYS A 44 -9.35 -10.37 12.69
C LYS A 44 -10.64 -9.87 12.05
N ASP A 45 -10.78 -8.56 11.96
CA ASP A 45 -11.96 -7.95 11.36
C ASP A 45 -11.58 -7.09 10.16
N VAL A 46 -11.11 -7.73 9.09
CA VAL A 46 -10.72 -7.03 7.88
C VAL A 46 -11.80 -6.07 7.43
N ALA A 47 -13.05 -6.54 7.44
CA ALA A 47 -14.18 -5.72 7.03
C ALA A 47 -14.33 -4.49 7.92
N GLN A 48 -14.14 -4.68 9.22
CA GLN A 48 -14.25 -3.59 10.18
C GLN A 48 -13.21 -2.50 9.89
N VAL A 49 -11.93 -2.87 10.00
CA VAL A 49 -10.85 -1.93 9.76
C VAL A 49 -11.05 -1.20 8.42
N GLY A 50 -11.33 -1.97 7.37
CA GLY A 50 -11.54 -1.39 6.06
C GLY A 50 -12.60 -0.31 6.07
N LYS A 51 -13.77 -0.63 6.63
CA LYS A 51 -14.86 0.33 6.69
C LYS A 51 -14.44 1.61 7.41
N LEU A 52 -13.57 1.46 8.41
CA LEU A 52 -13.08 2.60 9.17
C LEU A 52 -12.24 3.53 8.30
N ILE A 53 -11.34 2.93 7.52
CA ILE A 53 -10.47 3.69 6.63
C ILE A 53 -11.29 4.46 5.59
N GLY A 54 -12.16 3.75 4.89
CA GLY A 54 -12.99 4.38 3.88
C GLY A 54 -13.84 5.49 4.44
N GLU A 55 -14.56 5.20 5.52
CA GLU A 55 -15.42 6.19 6.16
C GLU A 55 -14.61 7.37 6.68
N ALA A 56 -13.62 7.07 7.51
CA ALA A 56 -12.77 8.11 8.08
C ALA A 56 -12.20 9.01 6.99
N TRP A 57 -11.88 8.42 5.84
CA TRP A 57 -11.33 9.18 4.72
C TRP A 57 -12.38 10.11 4.12
N GLY A 58 -13.47 9.53 3.64
CA GLY A 58 -14.53 10.34 3.05
C GLY A 58 -15.04 11.40 4.00
N GLN A 59 -14.89 11.16 5.29
CA GLN A 59 -15.35 12.11 6.31
C GLN A 59 -14.17 12.81 6.97
N LEU A 60 -12.99 12.66 6.37
CA LEU A 60 -11.79 13.29 6.90
C LEU A 60 -11.91 14.81 6.88
N SER A 61 -11.30 15.47 7.87
CA SER A 61 -11.34 16.92 7.96
C SER A 61 -10.61 17.56 6.78
N PRO A 62 -10.91 18.83 6.53
CA PRO A 62 -10.29 19.60 5.44
C PRO A 62 -8.82 19.88 5.70
N ALA A 63 -8.49 20.21 6.95
CA ALA A 63 -7.11 20.52 7.32
C ALA A 63 -6.19 19.34 7.01
N GLN A 64 -6.69 18.14 7.24
CA GLN A 64 -5.90 16.93 6.99
C GLN A 64 -6.05 16.48 5.54
N LYS A 65 -7.17 16.84 4.92
CA LYS A 65 -7.44 16.48 3.54
C LYS A 65 -6.50 17.22 2.59
N ALA A 66 -6.18 18.47 2.93
CA ALA A 66 -5.30 19.27 2.11
C ALA A 66 -3.99 18.54 1.82
N PRO A 67 -3.24 18.21 2.89
CA PRO A 67 -1.97 17.51 2.77
C PRO A 67 -2.15 16.05 2.34
N TYR A 68 -3.13 15.38 2.92
CA TYR A 68 -3.40 13.99 2.59
C TYR A 68 -3.65 13.81 1.09
N GLU A 69 -4.46 14.71 0.53
CA GLU A 69 -4.77 14.66 -0.90
C GLU A 69 -3.56 15.09 -1.74
N LYS A 70 -3.01 16.26 -1.41
CA LYS A 70 -1.86 16.79 -2.12
C LYS A 70 -0.74 15.75 -2.20
N LYS A 71 -0.43 15.16 -1.05
CA LYS A 71 0.63 14.15 -0.99
C LYS A 71 0.22 12.88 -1.73
N ALA A 72 -1.00 12.41 -1.46
CA ALA A 72 -1.51 11.21 -2.10
C ALA A 72 -1.43 11.32 -3.62
N GLN A 73 -1.82 12.49 -4.14
CA GLN A 73 -1.79 12.73 -5.57
C GLN A 73 -0.36 12.79 -6.10
N LEU A 74 0.43 13.70 -5.53
CA LEU A 74 1.82 13.86 -5.94
C LEU A 74 2.55 12.51 -5.90
N ASP A 75 2.27 11.72 -4.88
CA ASP A 75 2.89 10.41 -4.74
C ASP A 75 2.37 9.43 -5.79
N LYS A 76 1.07 9.48 -6.03
CA LYS A 76 0.44 8.60 -7.01
C LYS A 76 1.04 8.82 -8.40
N VAL A 77 1.23 10.08 -8.77
CA VAL A 77 1.80 10.43 -10.06
C VAL A 77 3.28 10.10 -10.12
N ARG A 78 4.03 10.57 -9.13
CA ARG A 78 5.46 10.33 -9.07
C ARG A 78 5.77 8.83 -9.09
N TYR A 79 5.03 8.08 -8.27
CA TYR A 79 5.21 6.64 -8.19
C TYR A 79 4.81 5.96 -9.50
N SER A 80 3.59 6.25 -9.96
CA SER A 80 3.09 5.66 -11.19
C SER A 80 4.05 5.92 -12.34
N LYS A 81 4.39 7.19 -12.55
CA LYS A 81 5.31 7.57 -13.63
C LYS A 81 6.67 6.89 -13.45
N GLU A 82 7.18 6.92 -12.22
CA GLU A 82 8.47 6.31 -11.91
C GLU A 82 8.50 4.85 -12.37
N ILE A 83 7.66 4.03 -11.76
CA ILE A 83 7.59 2.62 -12.09
C ILE A 83 7.23 2.41 -13.57
N GLU A 84 6.49 3.36 -14.11
CA GLU A 84 6.08 3.30 -15.51
C GLU A 84 7.29 3.25 -16.43
N GLU A 85 8.15 4.26 -16.33
CA GLU A 85 9.35 4.34 -17.15
C GLU A 85 10.29 3.18 -16.84
N TYR A 86 10.52 2.93 -15.56
CA TYR A 86 11.41 1.86 -15.13
C TYR A 86 10.95 0.52 -15.70
N ARG A 87 9.68 0.20 -15.49
CA ARG A 87 9.11 -1.05 -15.98
C ARG A 87 9.27 -1.16 -17.50
N LYS A 88 9.04 -0.04 -18.18
CA LYS A 88 9.16 -0.01 -19.64
C LYS A 88 10.57 -0.33 -20.09
N LYS A 89 11.55 0.15 -19.33
CA LYS A 89 12.95 -0.09 -19.65
C LYS A 89 13.58 -1.05 -18.65
N ASN A 90 12.77 -1.96 -18.12
CA ASN A 90 13.24 -2.94 -17.15
C ASN A 90 13.40 -4.32 -17.80
N GLN A 91 13.51 -4.33 -19.12
CA GLN A 91 13.66 -5.58 -19.87
C GLN A 91 14.80 -5.48 -20.87
N GLU A 92 15.97 -6.00 -20.50
CA GLU A 92 17.13 -5.97 -21.37
C GLU A 92 16.81 -6.58 -22.73
N MET A 1 -8.62 -19.21 -12.87
CA MET A 1 -8.24 -20.26 -11.92
C MET A 1 -7.01 -19.86 -11.13
N ALA A 2 -7.15 -19.78 -9.82
CA ALA A 2 -6.04 -19.41 -8.94
C ALA A 2 -6.43 -19.53 -7.48
N HIS A 3 -5.47 -19.30 -6.59
CA HIS A 3 -5.71 -19.38 -5.15
C HIS A 3 -6.52 -18.17 -4.67
N HIS A 4 -7.13 -18.30 -3.50
CA HIS A 4 -7.92 -17.22 -2.92
C HIS A 4 -7.15 -16.49 -1.84
N HIS A 5 -6.80 -17.21 -0.78
CA HIS A 5 -6.05 -16.63 0.33
C HIS A 5 -4.60 -17.10 0.31
N HIS A 6 -3.67 -16.14 0.33
CA HIS A 6 -2.24 -16.46 0.32
C HIS A 6 -1.41 -15.20 0.50
N HIS A 7 -0.22 -15.35 1.07
CA HIS A 7 0.67 -14.23 1.30
C HIS A 7 2.13 -14.70 1.38
N HIS A 8 3.04 -13.85 0.92
CA HIS A 8 4.46 -14.18 0.93
C HIS A 8 5.31 -12.91 0.78
N MET A 9 6.33 -12.78 1.63
CA MET A 9 7.21 -11.63 1.59
C MET A 9 8.44 -11.92 0.72
N LYS A 10 8.28 -11.84 -0.59
CA LYS A 10 9.37 -12.09 -1.52
C LYS A 10 9.31 -11.13 -2.71
N LYS A 11 10.37 -10.37 -2.91
CA LYS A 11 10.44 -9.42 -4.01
C LYS A 11 10.69 -10.13 -5.33
N LYS A 12 9.76 -9.96 -6.28
CA LYS A 12 9.88 -10.59 -7.58
C LYS A 12 10.83 -9.80 -8.49
N ASP A 13 10.86 -8.49 -8.28
CA ASP A 13 11.72 -7.62 -9.08
C ASP A 13 12.61 -6.76 -8.18
N PRO A 14 13.59 -7.40 -7.54
CA PRO A 14 14.53 -6.71 -6.64
C PRO A 14 15.47 -5.78 -7.38
N LEU A 15 15.50 -5.91 -8.71
CA LEU A 15 16.37 -5.09 -9.54
C LEU A 15 15.73 -3.73 -9.82
N ALA A 16 14.52 -3.53 -9.30
CA ALA A 16 13.80 -2.28 -9.48
C ALA A 16 14.23 -1.24 -8.45
N PRO A 17 13.97 0.04 -8.74
CA PRO A 17 14.32 1.14 -7.86
C PRO A 17 13.47 1.16 -6.59
N LYS A 18 14.11 1.41 -5.46
CA LYS A 18 13.42 1.45 -4.17
C LYS A 18 13.14 2.89 -3.75
N ARG A 19 12.06 3.08 -2.99
CA ARG A 19 11.69 4.41 -2.53
C ARG A 19 10.50 4.34 -1.58
N ALA A 20 10.34 5.37 -0.76
CA ALA A 20 9.23 5.42 0.20
C ALA A 20 7.90 5.23 -0.49
N LEU A 21 7.11 4.28 0.00
CA LEU A 21 5.80 4.00 -0.57
C LEU A 21 4.92 5.25 -0.56
N SER A 22 3.85 5.23 -1.36
CA SER A 22 2.93 6.36 -1.45
C SER A 22 2.07 6.45 -0.20
N ALA A 23 1.48 7.62 0.02
CA ALA A 23 0.62 7.84 1.18
C ALA A 23 -0.52 6.82 1.22
N TYR A 24 -0.86 6.30 0.05
CA TYR A 24 -1.95 5.32 -0.05
C TYR A 24 -1.53 3.98 0.56
N MET A 25 -0.31 3.56 0.27
CA MET A 25 0.20 2.30 0.79
C MET A 25 0.69 2.46 2.22
N PHE A 26 1.30 3.61 2.52
CA PHE A 26 1.80 3.88 3.86
C PHE A 26 0.70 3.71 4.90
N TYR A 27 -0.46 4.28 4.62
CA TYR A 27 -1.60 4.20 5.54
C TYR A 27 -2.05 2.75 5.71
N VAL A 28 -2.17 2.04 4.60
CA VAL A 28 -2.59 0.64 4.64
C VAL A 28 -1.68 -0.19 5.54
N LYS A 29 -0.39 -0.20 5.22
CA LYS A 29 0.58 -0.95 6.01
C LYS A 29 0.60 -0.47 7.45
N ASP A 30 0.42 0.84 7.64
CA ASP A 30 0.42 1.43 8.97
C ASP A 30 -0.75 0.88 9.81
N LYS A 31 -1.96 1.08 9.32
CA LYS A 31 -3.16 0.61 10.01
C LYS A 31 -3.06 -0.88 10.32
N ARG A 32 -2.71 -1.66 9.30
CA ARG A 32 -2.58 -3.11 9.46
C ARG A 32 -1.57 -3.44 10.55
N LEU A 33 -0.35 -2.95 10.39
CA LEU A 33 0.71 -3.19 11.36
C LEU A 33 0.24 -2.89 12.77
N GLU A 34 -0.52 -1.80 12.92
CA GLU A 34 -1.03 -1.41 14.22
C GLU A 34 -2.10 -2.40 14.72
N ILE A 35 -2.98 -2.81 13.81
CA ILE A 35 -4.04 -3.74 14.14
C ILE A 35 -3.47 -5.10 14.51
N ILE A 36 -2.27 -5.40 14.01
CA ILE A 36 -1.61 -6.67 14.29
C ILE A 36 -0.89 -6.63 15.63
N LYS A 37 -0.10 -5.58 15.85
CA LYS A 37 0.64 -5.42 17.09
C LYS A 37 -0.31 -5.27 18.28
N GLU A 38 -1.46 -4.66 18.04
CA GLU A 38 -2.46 -4.46 19.09
C GLU A 38 -3.47 -5.60 19.10
N LYS A 39 -3.69 -6.20 17.93
CA LYS A 39 -4.63 -7.31 17.80
C LYS A 39 -4.13 -8.33 16.79
N PRO A 40 -3.18 -9.17 17.22
CA PRO A 40 -2.60 -10.21 16.36
C PRO A 40 -3.58 -11.34 16.08
N GLU A 41 -4.72 -11.31 16.75
CA GLU A 41 -5.76 -12.33 16.57
C GLU A 41 -6.43 -12.17 15.21
N LEU A 42 -6.76 -10.94 14.86
CA LEU A 42 -7.42 -10.65 13.59
C LEU A 42 -6.39 -10.37 12.49
N ALA A 43 -5.12 -10.50 12.85
CA ALA A 43 -4.04 -10.27 11.89
C ALA A 43 -4.24 -11.09 10.63
N LYS A 44 -4.79 -12.29 10.79
CA LYS A 44 -5.04 -13.18 9.66
C LYS A 44 -6.47 -13.04 9.16
N ASP A 45 -7.04 -11.85 9.30
CA ASP A 45 -8.40 -11.57 8.86
C ASP A 45 -8.43 -10.50 7.78
N VAL A 46 -8.17 -10.89 6.54
CA VAL A 46 -8.16 -9.95 5.43
C VAL A 46 -9.44 -9.11 5.41
N ALA A 47 -10.57 -9.76 5.66
CA ALA A 47 -11.86 -9.07 5.68
C ALA A 47 -11.89 -8.00 6.75
N GLN A 48 -11.38 -8.34 7.94
CA GLN A 48 -11.35 -7.40 9.06
C GLN A 48 -10.53 -6.17 8.72
N VAL A 49 -9.24 -6.37 8.47
CA VAL A 49 -8.33 -5.28 8.13
C VAL A 49 -8.91 -4.41 7.03
N GLY A 50 -9.39 -5.05 5.96
CA GLY A 50 -9.96 -4.33 4.85
C GLY A 50 -11.08 -3.40 5.28
N LYS A 51 -12.03 -3.93 6.04
CA LYS A 51 -13.17 -3.15 6.52
C LYS A 51 -12.69 -1.94 7.31
N LEU A 52 -11.60 -2.12 8.05
CA LEU A 52 -11.04 -1.04 8.85
C LEU A 52 -10.54 0.10 7.97
N ILE A 53 -9.80 -0.25 6.93
CA ILE A 53 -9.27 0.73 6.00
C ILE A 53 -10.39 1.52 5.33
N GLY A 54 -11.33 0.80 4.73
CA GLY A 54 -12.44 1.45 4.06
C GLY A 54 -13.21 2.37 4.98
N GLU A 55 -13.61 1.86 6.13
CA GLU A 55 -14.37 2.64 7.10
C GLU A 55 -13.62 3.92 7.48
N ALA A 56 -12.33 3.76 7.80
CA ALA A 56 -11.50 4.90 8.17
C ALA A 56 -11.52 5.98 7.08
N TRP A 57 -11.31 5.56 5.84
CA TRP A 57 -11.30 6.48 4.72
C TRP A 57 -12.66 7.16 4.56
N GLY A 58 -13.72 6.37 4.61
CA GLY A 58 -15.05 6.91 4.47
C GLY A 58 -15.37 7.97 5.53
N GLN A 59 -14.88 7.75 6.75
CA GLN A 59 -15.11 8.68 7.84
C GLN A 59 -13.90 9.58 8.04
N LEU A 60 -12.99 9.57 7.08
CA LEU A 60 -11.78 10.38 7.16
C LEU A 60 -12.10 11.86 6.88
N SER A 61 -11.58 12.74 7.72
CA SER A 61 -11.80 14.17 7.58
C SER A 61 -11.09 14.71 6.34
N PRO A 62 -11.54 15.88 5.86
CA PRO A 62 -10.96 16.52 4.68
C PRO A 62 -9.56 17.05 4.94
N ALA A 63 -9.33 17.54 6.16
CA ALA A 63 -8.03 18.08 6.54
C ALA A 63 -6.92 17.06 6.28
N GLN A 64 -7.23 15.79 6.51
CA GLN A 64 -6.26 14.72 6.31
C GLN A 64 -6.25 14.25 4.86
N LYS A 65 -7.40 14.41 4.18
CA LYS A 65 -7.54 14.01 2.79
C LYS A 65 -6.70 14.90 1.88
N ALA A 66 -6.62 16.18 2.23
CA ALA A 66 -5.84 17.14 1.45
C ALA A 66 -4.43 16.64 1.19
N PRO A 67 -3.68 16.42 2.28
CA PRO A 67 -2.29 15.93 2.20
C PRO A 67 -2.22 14.48 1.75
N TYR A 68 -3.04 13.63 2.36
CA TYR A 68 -3.06 12.21 2.02
C TYR A 68 -3.28 12.01 0.53
N GLU A 69 -4.34 12.63 0.01
CA GLU A 69 -4.66 12.52 -1.41
C GLU A 69 -3.57 13.15 -2.27
N LYS A 70 -3.21 14.38 -1.95
CA LYS A 70 -2.17 15.10 -2.69
C LYS A 70 -0.90 14.26 -2.79
N LYS A 71 -0.33 13.91 -1.64
CA LYS A 71 0.88 13.10 -1.60
C LYS A 71 0.69 11.79 -2.37
N ALA A 72 -0.40 11.09 -2.06
CA ALA A 72 -0.70 9.82 -2.71
C ALA A 72 -0.69 9.97 -4.23
N GLN A 73 -1.31 11.05 -4.72
CA GLN A 73 -1.38 11.31 -6.15
C GLN A 73 0.01 11.51 -6.73
N LEU A 74 0.71 12.53 -6.24
CA LEU A 74 2.06 12.83 -6.72
C LEU A 74 2.95 11.59 -6.65
N ASP A 75 2.89 10.89 -5.53
CA ASP A 75 3.69 9.68 -5.33
C ASP A 75 3.26 8.58 -6.30
N LYS A 76 1.96 8.57 -6.62
CA LYS A 76 1.42 7.57 -7.54
C LYS A 76 1.99 7.75 -8.94
N VAL A 77 1.87 8.96 -9.48
CA VAL A 77 2.38 9.26 -10.81
C VAL A 77 3.89 9.15 -10.86
N ARG A 78 4.56 9.57 -9.79
CA ARG A 78 6.01 9.52 -9.71
C ARG A 78 6.50 8.07 -9.70
N TYR A 79 5.87 7.25 -8.88
CA TYR A 79 6.25 5.83 -8.77
C TYR A 79 5.99 5.11 -10.09
N SER A 80 4.82 5.35 -10.68
CA SER A 80 4.45 4.71 -11.94
C SER A 80 5.45 5.06 -13.03
N LYS A 81 5.65 6.35 -13.26
CA LYS A 81 6.59 6.82 -14.28
C LYS A 81 8.00 6.33 -13.99
N GLU A 82 8.41 6.45 -12.73
CA GLU A 82 9.74 6.01 -12.32
C GLU A 82 10.01 4.57 -12.74
N ILE A 83 9.22 3.65 -12.18
CA ILE A 83 9.37 2.24 -12.50
C ILE A 83 9.14 1.98 -13.99
N GLU A 84 8.32 2.82 -14.60
CA GLU A 84 8.00 2.68 -16.02
C GLU A 84 9.28 2.77 -16.86
N GLU A 85 9.99 3.89 -16.72
CA GLU A 85 11.22 4.10 -17.47
C GLU A 85 12.29 3.10 -17.05
N TYR A 86 12.38 2.85 -15.74
CA TYR A 86 13.37 1.92 -15.21
C TYR A 86 13.18 0.53 -15.81
N ARG A 87 11.97 0.01 -15.69
CA ARG A 87 11.65 -1.32 -16.22
C ARG A 87 11.90 -1.38 -17.72
N LYS A 88 11.50 -0.32 -18.42
CA LYS A 88 11.68 -0.26 -19.87
C LYS A 88 13.16 -0.31 -20.24
N LYS A 89 14.00 0.29 -19.39
CA LYS A 89 15.44 0.31 -19.63
C LYS A 89 16.18 -0.49 -18.56
N ASN A 90 15.55 -1.58 -18.11
CA ASN A 90 16.14 -2.43 -17.08
C ASN A 90 16.63 -3.75 -17.68
N GLN A 91 15.78 -4.37 -18.51
CA GLN A 91 16.12 -5.63 -19.14
C GLN A 91 16.68 -5.39 -20.55
N GLU A 92 17.51 -6.32 -21.00
CA GLU A 92 18.12 -6.23 -22.32
C GLU A 92 17.65 -7.35 -23.23
N MET A 1 -9.78 -26.40 10.20
CA MET A 1 -8.56 -25.73 10.63
C MET A 1 -7.86 -25.07 9.45
N ALA A 2 -7.69 -23.76 9.53
CA ALA A 2 -7.03 -23.01 8.45
C ALA A 2 -5.54 -22.83 8.75
N HIS A 3 -4.72 -22.90 7.70
CA HIS A 3 -3.28 -22.76 7.85
C HIS A 3 -2.79 -21.50 7.16
N HIS A 4 -2.82 -21.51 5.83
CA HIS A 4 -2.39 -20.37 5.04
C HIS A 4 -2.78 -20.53 3.57
N HIS A 5 -2.81 -19.41 2.84
CA HIS A 5 -3.17 -19.44 1.43
C HIS A 5 -1.98 -19.89 0.57
N HIS A 6 -2.24 -20.10 -0.71
CA HIS A 6 -1.19 -20.52 -1.64
C HIS A 6 -1.06 -19.53 -2.80
N HIS A 7 0.15 -19.03 -3.00
CA HIS A 7 0.41 -18.07 -4.08
C HIS A 7 1.83 -18.23 -4.62
N HIS A 8 1.96 -18.23 -5.94
CA HIS A 8 3.27 -18.39 -6.58
C HIS A 8 3.44 -17.35 -7.69
N MET A 9 4.50 -16.56 -7.59
CA MET A 9 4.79 -15.53 -8.58
C MET A 9 6.18 -15.73 -9.19
N LYS A 10 6.51 -14.88 -10.16
CA LYS A 10 7.81 -14.97 -10.81
C LYS A 10 8.95 -14.81 -9.81
N LYS A 11 9.95 -15.67 -9.91
CA LYS A 11 11.10 -15.62 -9.02
C LYS A 11 12.15 -14.64 -9.52
N LYS A 12 11.80 -13.37 -9.57
CA LYS A 12 12.71 -12.34 -10.03
C LYS A 12 12.64 -11.10 -9.15
N ASP A 13 13.80 -10.55 -8.82
CA ASP A 13 13.87 -9.36 -7.98
C ASP A 13 13.16 -8.18 -8.63
N PRO A 14 12.81 -7.17 -7.81
CA PRO A 14 12.11 -5.98 -8.29
C PRO A 14 13.02 -5.09 -9.14
N LEU A 15 14.22 -4.84 -8.65
CA LEU A 15 15.18 -4.00 -9.37
C LEU A 15 14.58 -2.64 -9.71
N ALA A 16 13.66 -2.18 -8.87
CA ALA A 16 13.01 -0.89 -9.07
C ALA A 16 13.80 0.24 -8.43
N PRO A 17 13.55 1.48 -8.88
CA PRO A 17 14.22 2.67 -8.35
C PRO A 17 13.79 2.99 -6.93
N LYS A 18 14.65 3.68 -6.19
CA LYS A 18 14.37 4.07 -4.81
C LYS A 18 13.38 5.23 -4.76
N ARG A 19 12.29 5.05 -4.02
CA ARG A 19 11.27 6.08 -3.89
C ARG A 19 10.39 5.83 -2.67
N ALA A 20 9.52 6.78 -2.38
CA ALA A 20 8.62 6.66 -1.24
C ALA A 20 7.19 6.38 -1.69
N LEU A 21 6.37 5.87 -0.77
CA LEU A 21 4.99 5.54 -1.08
C LEU A 21 4.08 6.76 -0.84
N SER A 22 2.88 6.71 -1.41
CA SER A 22 1.93 7.80 -1.26
C SER A 22 1.57 8.01 0.21
N ALA A 23 1.33 9.27 0.58
CA ALA A 23 0.97 9.61 1.95
C ALA A 23 -0.24 8.80 2.42
N TYR A 24 -1.09 8.43 1.47
CA TYR A 24 -2.28 7.66 1.79
C TYR A 24 -1.96 6.17 1.91
N MET A 25 -0.88 5.76 1.25
CA MET A 25 -0.47 4.36 1.27
C MET A 25 0.23 4.03 2.58
N PHE A 26 1.13 4.89 3.01
CA PHE A 26 1.88 4.69 4.25
C PHE A 26 0.92 4.40 5.41
N TYR A 27 -0.14 5.19 5.50
CA TYR A 27 -1.13 5.02 6.56
C TYR A 27 -1.81 3.67 6.46
N VAL A 28 -2.02 3.20 5.23
CA VAL A 28 -2.67 1.92 4.99
C VAL A 28 -1.80 0.76 5.50
N LYS A 29 -0.56 0.72 5.02
CA LYS A 29 0.37 -0.32 5.41
C LYS A 29 0.64 -0.28 6.91
N ASP A 30 0.70 0.93 7.46
CA ASP A 30 0.94 1.10 8.89
C ASP A 30 -0.20 0.52 9.70
N LYS A 31 -1.42 0.93 9.38
CA LYS A 31 -2.61 0.44 10.09
C LYS A 31 -2.71 -1.07 9.99
N ARG A 32 -2.51 -1.61 8.79
CA ARG A 32 -2.58 -3.05 8.57
C ARG A 32 -1.50 -3.78 9.36
N LEU A 33 -0.25 -3.36 9.15
CA LEU A 33 0.87 -3.97 9.85
C LEU A 33 0.64 -4.01 11.34
N GLU A 34 0.15 -2.91 11.90
CA GLU A 34 -0.12 -2.82 13.33
C GLU A 34 -1.19 -3.83 13.74
N ILE A 35 -2.33 -3.80 13.07
CA ILE A 35 -3.43 -4.71 13.36
C ILE A 35 -2.96 -6.16 13.32
N ILE A 36 -2.03 -6.45 12.41
CA ILE A 36 -1.49 -7.80 12.27
C ILE A 36 -0.46 -8.09 13.35
N LYS A 37 0.24 -7.06 13.79
CA LYS A 37 1.26 -7.20 14.83
C LYS A 37 0.63 -7.58 16.16
N GLU A 38 -0.35 -6.79 16.59
CA GLU A 38 -1.03 -7.05 17.85
C GLU A 38 -2.12 -8.11 17.68
N LYS A 39 -2.85 -8.02 16.56
CA LYS A 39 -3.92 -8.97 16.28
C LYS A 39 -3.65 -9.71 14.97
N PRO A 40 -2.70 -10.65 15.00
CA PRO A 40 -2.33 -11.44 13.82
C PRO A 40 -3.43 -12.43 13.42
N GLU A 41 -4.37 -12.65 14.32
CA GLU A 41 -5.48 -13.56 14.07
C GLU A 41 -6.33 -13.07 12.90
N LEU A 42 -6.59 -11.76 12.87
CA LEU A 42 -7.39 -11.17 11.81
C LEU A 42 -6.52 -10.74 10.63
N ALA A 43 -5.23 -11.05 10.73
CA ALA A 43 -4.29 -10.70 9.67
C ALA A 43 -4.73 -11.27 8.33
N LYS A 44 -5.51 -12.35 8.38
CA LYS A 44 -6.01 -12.99 7.17
C LYS A 44 -7.43 -12.53 6.85
N ASP A 45 -7.75 -11.30 7.24
CA ASP A 45 -9.06 -10.73 6.98
C ASP A 45 -8.97 -9.53 6.05
N VAL A 46 -8.74 -9.79 4.78
CA VAL A 46 -8.62 -8.73 3.79
C VAL A 46 -9.81 -7.78 3.87
N ALA A 47 -11.01 -8.34 4.00
CA ALA A 47 -12.23 -7.53 4.09
C ALA A 47 -12.19 -6.63 5.32
N GLN A 48 -11.72 -7.19 6.44
CA GLN A 48 -11.65 -6.44 7.68
C GLN A 48 -10.72 -5.23 7.54
N VAL A 49 -9.44 -5.51 7.29
CA VAL A 49 -8.45 -4.45 7.12
C VAL A 49 -8.94 -3.38 6.14
N GLY A 50 -9.44 -3.83 4.99
CA GLY A 50 -9.93 -2.91 3.98
C GLY A 50 -10.99 -1.96 4.53
N LYS A 51 -12.00 -2.52 5.19
CA LYS A 51 -13.08 -1.73 5.77
C LYS A 51 -12.52 -0.68 6.73
N LEU A 52 -11.46 -1.05 7.45
CA LEU A 52 -10.84 -0.15 8.41
C LEU A 52 -10.22 1.06 7.70
N ILE A 53 -9.49 0.79 6.63
CA ILE A 53 -8.86 1.86 5.85
C ILE A 53 -9.90 2.83 5.29
N GLY A 54 -10.90 2.28 4.59
CA GLY A 54 -11.93 3.11 4.02
C GLY A 54 -12.65 3.94 5.06
N GLU A 55 -13.08 3.30 6.14
CA GLU A 55 -13.79 3.98 7.21
C GLU A 55 -12.91 5.06 7.84
N ALA A 56 -11.70 4.68 8.22
CA ALA A 56 -10.77 5.62 8.83
C ALA A 56 -10.48 6.80 7.91
N TRP A 57 -10.50 6.54 6.60
CA TRP A 57 -10.25 7.58 5.62
C TRP A 57 -11.42 8.55 5.54
N GLY A 58 -12.59 8.03 5.17
CA GLY A 58 -13.77 8.87 5.06
C GLY A 58 -14.02 9.69 6.31
N GLN A 59 -13.82 9.07 7.47
CA GLN A 59 -14.03 9.75 8.75
C GLN A 59 -12.92 10.77 9.01
N LEU A 60 -11.76 10.54 8.42
CA LEU A 60 -10.63 11.45 8.59
C LEU A 60 -11.02 12.88 8.27
N SER A 61 -10.55 13.82 9.09
CA SER A 61 -10.86 15.23 8.91
C SER A 61 -10.23 15.75 7.62
N PRO A 62 -10.75 16.90 7.13
CA PRO A 62 -10.25 17.53 5.90
C PRO A 62 -8.86 18.13 6.09
N ALA A 63 -8.53 18.45 7.33
CA ALA A 63 -7.23 19.03 7.64
C ALA A 63 -6.09 18.09 7.24
N GLN A 64 -6.21 16.83 7.64
CA GLN A 64 -5.20 15.82 7.32
C GLN A 64 -5.45 15.21 5.95
N LYS A 65 -6.71 15.17 5.55
CA LYS A 65 -7.08 14.60 4.25
C LYS A 65 -6.57 15.48 3.12
N ALA A 66 -6.50 16.79 3.36
CA ALA A 66 -6.02 17.72 2.35
C ALA A 66 -4.64 17.32 1.83
N PRO A 67 -3.66 17.29 2.74
CA PRO A 67 -2.28 16.93 2.40
C PRO A 67 -2.14 15.45 2.05
N TYR A 68 -2.86 14.60 2.79
CA TYR A 68 -2.82 13.17 2.56
C TYR A 68 -3.29 12.82 1.15
N GLU A 69 -4.40 13.40 0.74
CA GLU A 69 -4.96 13.16 -0.59
C GLU A 69 -4.09 13.81 -1.66
N LYS A 70 -3.76 15.08 -1.47
CA LYS A 70 -2.94 15.81 -2.42
C LYS A 70 -1.60 15.10 -2.63
N LYS A 71 -0.91 14.80 -1.54
CA LYS A 71 0.39 14.13 -1.61
C LYS A 71 0.24 12.75 -2.26
N ALA A 72 -0.68 11.95 -1.74
CA ALA A 72 -0.92 10.62 -2.26
C ALA A 72 -1.24 10.66 -3.75
N GLN A 73 -1.99 11.68 -4.16
CA GLN A 73 -2.36 11.84 -5.57
C GLN A 73 -1.14 12.11 -6.43
N LEU A 74 -0.49 13.25 -6.19
CA LEU A 74 0.70 13.64 -6.94
C LEU A 74 1.74 12.54 -6.90
N ASP A 75 1.96 11.98 -5.71
CA ASP A 75 2.94 10.91 -5.53
C ASP A 75 2.54 9.67 -6.33
N LYS A 76 1.24 9.40 -6.38
CA LYS A 76 0.73 8.24 -7.09
C LYS A 76 1.00 8.36 -8.59
N VAL A 77 0.78 9.55 -9.14
CA VAL A 77 1.01 9.80 -10.56
C VAL A 77 2.49 9.72 -10.89
N ARG A 78 3.31 10.50 -10.18
CA ARG A 78 4.75 10.52 -10.40
C ARG A 78 5.34 9.12 -10.20
N TYR A 79 4.75 8.36 -9.29
CA TYR A 79 5.22 7.01 -9.00
C TYR A 79 4.95 6.08 -10.18
N SER A 80 3.69 6.00 -10.58
CA SER A 80 3.29 5.14 -11.69
C SER A 80 4.11 5.45 -12.93
N LYS A 81 4.17 6.73 -13.29
CA LYS A 81 4.92 7.17 -14.46
C LYS A 81 6.40 6.83 -14.32
N GLU A 82 6.95 7.12 -13.14
CA GLU A 82 8.37 6.84 -12.88
C GLU A 82 8.70 5.39 -13.17
N ILE A 83 8.09 4.48 -12.41
CA ILE A 83 8.33 3.06 -12.58
C ILE A 83 7.93 2.60 -13.98
N GLU A 84 6.95 3.28 -14.57
CA GLU A 84 6.47 2.95 -15.91
C GLU A 84 7.61 3.04 -16.92
N GLU A 85 8.24 4.23 -17.00
CA GLU A 85 9.33 4.44 -17.93
C GLU A 85 10.54 3.58 -17.57
N TYR A 86 10.85 3.52 -16.28
CA TYR A 86 11.98 2.74 -15.80
C TYR A 86 11.83 1.27 -16.20
N ARG A 87 10.69 0.68 -15.86
CA ARG A 87 10.43 -0.71 -16.17
C ARG A 87 10.50 -0.94 -17.69
N LYS A 88 9.89 -0.04 -18.45
CA LYS A 88 9.88 -0.15 -19.90
C LYS A 88 11.29 -0.13 -20.45
N LYS A 89 12.17 0.63 -19.81
CA LYS A 89 13.56 0.73 -20.23
C LYS A 89 14.50 0.12 -19.19
N ASN A 90 14.04 -0.94 -18.54
CA ASN A 90 14.84 -1.63 -17.53
C ASN A 90 15.35 -2.97 -18.05
N GLN A 91 16.55 -2.96 -18.63
CA GLN A 91 17.15 -4.17 -19.16
C GLN A 91 18.56 -4.36 -18.63
N GLU A 92 18.79 -3.89 -17.40
CA GLU A 92 20.11 -4.01 -16.78
C GLU A 92 20.25 -5.34 -16.06
#